data_2KNS
#
_entry.id   2KNS
#
_entity_poly.entity_id   1
_entity_poly.type   'polypeptide(L)'
_entity_poly.pdbx_seq_one_letter_code
;GFFALIPKIISSPLFKTLLSAVGSALSSSGGQE
;
_entity_poly.pdbx_strand_id   A
#
# COMPACT_ATOMS: atom_id res chain seq x y z
N GLY A 1 4.30 -12.21 -3.35
CA GLY A 1 4.42 -10.98 -4.12
C GLY A 1 4.50 -9.75 -3.25
N PHE A 2 5.64 -9.59 -2.56
CA PHE A 2 5.84 -8.45 -1.69
C PHE A 2 5.99 -7.15 -2.49
N PHE A 3 6.14 -7.31 -3.80
CA PHE A 3 6.30 -6.16 -4.69
C PHE A 3 5.03 -5.93 -5.51
N ALA A 4 4.16 -6.94 -5.55
CA ALA A 4 2.92 -6.85 -6.30
C ALA A 4 1.72 -7.06 -5.38
N LEU A 5 1.94 -6.96 -4.08
CA LEU A 5 0.88 -7.15 -3.10
C LEU A 5 0.06 -5.88 -2.95
N ILE A 6 0.57 -4.78 -3.48
CA ILE A 6 -0.13 -3.49 -3.41
C ILE A 6 -1.45 -3.55 -4.17
N PRO A 7 -1.39 -3.97 -5.43
CA PRO A 7 -2.59 -4.08 -6.28
C PRO A 7 -3.51 -5.22 -5.84
N LYS A 8 -2.94 -6.21 -5.18
CA LYS A 8 -3.71 -7.36 -4.71
C LYS A 8 -4.35 -7.06 -3.35
N ILE A 9 -3.77 -6.11 -2.63
CA ILE A 9 -4.29 -5.72 -1.32
C ILE A 9 -5.72 -5.23 -1.42
N ILE A 10 -6.02 -4.50 -2.50
CA ILE A 10 -7.36 -3.97 -2.71
C ILE A 10 -8.19 -4.91 -3.57
N SER A 11 -7.52 -5.79 -4.30
CA SER A 11 -8.20 -6.75 -5.15
C SER A 11 -9.29 -7.49 -4.38
N SER A 12 -9.00 -7.82 -3.13
CA SER A 12 -9.95 -8.53 -2.29
C SER A 12 -10.86 -7.56 -1.56
N PRO A 13 -10.30 -6.84 -0.57
CA PRO A 13 -11.04 -5.86 0.23
C PRO A 13 -11.43 -4.63 -0.59
N LEU A 14 -12.00 -3.64 0.10
CA LEU A 14 -12.42 -2.41 -0.56
C LEU A 14 -11.95 -1.18 0.22
N PHE A 15 -10.77 -1.29 0.83
CA PHE A 15 -10.21 -0.20 1.62
C PHE A 15 -9.37 0.73 0.73
N LYS A 16 -9.47 0.53 -0.58
CA LYS A 16 -8.72 1.35 -1.53
C LYS A 16 -8.81 2.82 -1.17
N THR A 17 -9.91 3.21 -0.54
CA THR A 17 -10.12 4.59 -0.14
C THR A 17 -9.00 5.06 0.80
N LEU A 18 -8.66 4.21 1.77
CA LEU A 18 -7.62 4.53 2.73
C LEU A 18 -6.25 4.10 2.22
N LEU A 19 -6.24 3.29 1.17
CA LEU A 19 -5.00 2.81 0.58
C LEU A 19 -4.10 3.97 0.19
N SER A 20 -4.69 5.01 -0.37
CA SER A 20 -3.94 6.20 -0.78
C SER A 20 -3.35 6.92 0.42
N ALA A 21 -3.95 6.70 1.59
CA ALA A 21 -3.50 7.32 2.82
C ALA A 21 -2.42 6.50 3.50
N VAL A 22 -2.63 5.18 3.54
CA VAL A 22 -1.67 4.27 4.15
C VAL A 22 -0.51 3.98 3.22
N GLY A 23 -0.76 4.07 1.91
CA GLY A 23 0.28 3.82 0.93
C GLY A 23 1.29 4.94 0.86
N SER A 24 0.86 6.15 1.23
CA SER A 24 1.75 7.30 1.19
C SER A 24 2.64 7.34 2.43
N ALA A 25 2.12 6.84 3.54
CA ALA A 25 2.87 6.81 4.79
C ALA A 25 3.78 5.59 4.86
N LEU A 26 3.37 4.52 4.21
CA LEU A 26 4.16 3.28 4.20
C LEU A 26 5.28 3.37 3.17
N SER A 27 5.14 4.29 2.22
CA SER A 27 6.15 4.47 1.19
C SER A 27 6.93 5.77 1.41
N SER A 28 6.55 6.52 2.44
CA SER A 28 7.21 7.78 2.76
C SER A 28 8.50 7.54 3.53
N SER A 29 8.78 6.26 3.81
CA SER A 29 9.99 5.89 4.54
C SER A 29 10.90 5.01 3.70
N GLY A 30 10.80 5.17 2.37
CA GLY A 30 11.62 4.37 1.48
C GLY A 30 13.10 4.64 1.65
N GLY A 31 13.43 5.81 2.18
CA GLY A 31 14.82 6.17 2.40
C GLY A 31 15.53 5.19 3.32
N GLN A 32 14.78 4.54 4.19
CA GLN A 32 15.35 3.57 5.12
C GLN A 32 15.35 2.17 4.52
N GLU A 33 14.84 2.05 3.31
CA GLU A 33 14.79 0.76 2.63
C GLU A 33 16.03 0.55 1.76
N GLY A 1 4.37 -13.55 -3.58
CA GLY A 1 3.36 -12.62 -3.13
C GLY A 1 3.95 -11.41 -2.41
N PHE A 2 5.09 -10.93 -2.91
CA PHE A 2 5.76 -9.78 -2.31
C PHE A 2 5.88 -8.64 -3.30
N PHE A 3 5.57 -8.93 -4.57
CA PHE A 3 5.64 -7.92 -5.62
C PHE A 3 4.26 -7.61 -6.17
N ALA A 4 3.30 -8.48 -5.88
CA ALA A 4 1.94 -8.30 -6.35
C ALA A 4 0.96 -8.22 -5.18
N LEU A 5 1.49 -8.07 -3.97
CA LEU A 5 0.67 -7.97 -2.78
C LEU A 5 -0.02 -6.61 -2.69
N ILE A 6 0.48 -5.66 -3.46
CA ILE A 6 -0.09 -4.31 -3.48
C ILE A 6 -1.43 -4.28 -4.22
N PRO A 7 -1.41 -4.78 -5.47
CA PRO A 7 -2.62 -4.83 -6.30
C PRO A 7 -3.63 -5.86 -5.80
N LYS A 8 -3.15 -6.86 -5.09
CA LYS A 8 -4.01 -7.90 -4.54
C LYS A 8 -4.61 -7.47 -3.21
N ILE A 9 -3.96 -6.53 -2.55
CA ILE A 9 -4.44 -6.02 -1.27
C ILE A 9 -5.84 -5.43 -1.39
N ILE A 10 -6.10 -4.76 -2.52
CA ILE A 10 -7.39 -4.16 -2.76
C ILE A 10 -8.29 -5.08 -3.57
N SER A 11 -7.68 -6.03 -4.27
CA SER A 11 -8.42 -6.98 -5.08
C SER A 11 -9.53 -7.64 -4.28
N SER A 12 -9.26 -7.91 -3.00
CA SER A 12 -10.23 -8.54 -2.11
C SER A 12 -11.06 -7.48 -1.39
N PRO A 13 -10.44 -6.82 -0.40
CA PRO A 13 -11.10 -5.79 0.40
C PRO A 13 -11.38 -4.52 -0.41
N LEU A 14 -11.90 -3.51 0.26
CA LEU A 14 -12.22 -2.24 -0.40
C LEU A 14 -11.71 -1.06 0.42
N PHE A 15 -10.47 -1.15 0.88
CA PHE A 15 -9.86 -0.09 1.68
C PHE A 15 -9.01 0.82 0.81
N LYS A 16 -9.07 0.62 -0.51
CA LYS A 16 -8.29 1.41 -1.45
C LYS A 16 -8.34 2.89 -1.07
N THR A 17 -9.45 3.30 -0.46
CA THR A 17 -9.64 4.69 -0.05
C THR A 17 -8.57 5.10 0.96
N LEU A 18 -8.30 4.22 1.91
CA LEU A 18 -7.30 4.49 2.94
C LEU A 18 -5.90 4.10 2.47
N LEU A 19 -5.85 3.28 1.43
CA LEU A 19 -4.57 2.82 0.89
C LEU A 19 -3.69 4.02 0.50
N SER A 20 -4.30 5.03 -0.10
CA SER A 20 -3.57 6.22 -0.52
C SER A 20 -3.06 6.99 0.69
N ALA A 21 -3.67 6.75 1.85
CA ALA A 21 -3.28 7.42 3.09
C ALA A 21 -2.17 6.64 3.79
N VAL A 22 -2.32 5.32 3.85
CA VAL A 22 -1.33 4.47 4.50
C VAL A 22 -0.13 4.23 3.59
N GLY A 23 -0.37 4.30 2.28
CA GLY A 23 0.71 4.08 1.33
C GLY A 23 1.67 5.25 1.26
N SER A 24 1.18 6.44 1.60
CA SER A 24 2.00 7.65 1.58
C SER A 24 2.87 7.74 2.83
N ALA A 25 2.34 7.22 3.94
CA ALA A 25 3.06 7.24 5.20
C ALA A 25 4.04 6.08 5.31
N LEU A 26 3.69 4.97 4.66
CA LEU A 26 4.53 3.78 4.69
C LEU A 26 5.68 3.91 3.68
N SER A 27 5.52 4.81 2.72
CA SER A 27 6.54 5.04 1.70
C SER A 27 7.25 6.36 1.93
N SER A 28 6.80 7.11 2.94
CA SER A 28 7.39 8.40 3.25
C SER A 28 8.68 8.23 4.06
N SER A 29 9.02 6.98 4.35
CA SER A 29 10.22 6.69 5.12
C SER A 29 11.26 5.98 4.26
N GLY A 30 11.20 6.23 2.96
CA GLY A 30 12.14 5.60 2.04
C GLY A 30 13.56 6.07 2.26
N GLY A 31 13.74 7.37 2.47
CA GLY A 31 15.06 7.92 2.70
C GLY A 31 15.70 7.37 3.96
N GLN A 32 14.88 7.06 4.95
CA GLN A 32 15.38 6.52 6.22
C GLN A 32 15.62 5.03 6.12
N GLU A 33 15.33 4.46 4.95
CA GLU A 33 15.53 3.03 4.73
C GLU A 33 16.76 2.77 3.87
N GLY A 1 5.61 -11.94 -3.88
CA GLY A 1 4.36 -11.28 -3.55
C GLY A 1 4.57 -10.05 -2.69
N PHE A 2 5.71 -9.98 -2.02
CA PHE A 2 6.03 -8.85 -1.15
C PHE A 2 6.15 -7.56 -1.96
N PHE A 3 6.25 -7.71 -3.27
CA PHE A 3 6.38 -6.55 -4.16
C PHE A 3 5.08 -6.32 -4.93
N ALA A 4 4.20 -7.30 -4.90
CA ALA A 4 2.91 -7.19 -5.59
C ALA A 4 1.76 -7.32 -4.62
N LEU A 5 2.04 -7.16 -3.33
CA LEU A 5 1.02 -7.26 -2.29
C LEU A 5 0.19 -5.99 -2.22
N ILE A 6 0.69 -4.92 -2.83
CA ILE A 6 -0.01 -3.64 -2.84
C ILE A 6 -1.31 -3.73 -3.63
N PRO A 7 -1.21 -4.20 -4.88
CA PRO A 7 -2.37 -4.35 -5.77
C PRO A 7 -3.30 -5.47 -5.32
N LYS A 8 -2.74 -6.45 -4.59
CA LYS A 8 -3.52 -7.57 -4.10
C LYS A 8 -4.21 -7.22 -2.79
N ILE A 9 -3.68 -6.23 -2.09
CA ILE A 9 -4.25 -5.80 -0.82
C ILE A 9 -5.69 -5.33 -0.99
N ILE A 10 -5.95 -4.68 -2.12
CA ILE A 10 -7.29 -4.17 -2.41
C ILE A 10 -8.09 -5.17 -3.24
N SER A 11 -7.38 -6.07 -3.91
CA SER A 11 -8.02 -7.08 -4.76
C SER A 11 -9.11 -7.81 -3.98
N SER A 12 -8.86 -8.06 -2.70
CA SER A 12 -9.82 -8.76 -1.85
C SER A 12 -10.77 -7.78 -1.19
N PRO A 13 -10.26 -7.00 -0.22
CA PRO A 13 -11.05 -6.00 0.50
C PRO A 13 -11.43 -4.82 -0.37
N LEU A 14 -12.05 -3.81 0.24
CA LEU A 14 -12.46 -2.61 -0.48
C LEU A 14 -12.08 -1.35 0.28
N PHE A 15 -10.83 -1.30 0.74
CA PHE A 15 -10.34 -0.14 1.49
C PHE A 15 -9.44 0.72 0.61
N LYS A 16 -9.43 0.44 -0.68
CA LYS A 16 -8.61 1.19 -1.63
C LYS A 16 -8.73 2.69 -1.37
N THR A 17 -9.88 3.11 -0.83
CA THR A 17 -10.12 4.51 -0.55
C THR A 17 -9.09 5.05 0.45
N LEU A 18 -8.79 4.26 1.48
CA LEU A 18 -7.82 4.65 2.49
C LEU A 18 -6.42 4.21 2.10
N LEU A 19 -6.34 3.32 1.12
CA LEU A 19 -5.05 2.83 0.64
C LEU A 19 -4.12 3.97 0.26
N SER A 20 -4.68 4.98 -0.40
CA SER A 20 -3.90 6.14 -0.83
C SER A 20 -3.41 6.94 0.38
N ALA A 21 -4.09 6.78 1.50
CA ALA A 21 -3.74 7.48 2.73
C ALA A 21 -2.71 6.69 3.53
N VAL A 22 -2.91 5.38 3.63
CA VAL A 22 -2.00 4.51 4.36
C VAL A 22 -0.77 4.18 3.54
N GLY A 23 -0.93 4.19 2.21
CA GLY A 23 0.19 3.90 1.33
C GLY A 23 1.19 5.03 1.27
N SER A 24 0.74 6.24 1.53
CA SER A 24 1.61 7.41 1.50
C SER A 24 2.42 7.51 2.79
N ALA A 25 1.82 7.08 3.90
CA ALA A 25 2.48 7.13 5.19
C ALA A 25 3.39 5.92 5.39
N LEU A 26 3.02 4.80 4.77
CA LEU A 26 3.80 3.57 4.89
C LEU A 26 5.04 3.64 4.02
N SER A 27 5.00 4.48 2.98
CA SER A 27 6.13 4.64 2.08
C SER A 27 6.93 5.89 2.42
N SER A 28 6.47 6.63 3.42
CA SER A 28 7.14 7.85 3.83
C SER A 28 8.32 7.53 4.75
N SER A 29 8.52 6.24 5.02
CA SER A 29 9.60 5.81 5.88
C SER A 29 10.55 4.89 5.12
N GLY A 30 10.63 5.07 3.81
CA GLY A 30 11.50 4.26 2.98
C GLY A 30 12.65 5.04 2.40
N GLY A 31 13.03 6.13 3.07
CA GLY A 31 14.13 6.95 2.59
C GLY A 31 15.46 6.22 2.62
N GLN A 32 15.56 5.21 3.48
CA GLN A 32 16.79 4.43 3.59
C GLN A 32 16.81 3.30 2.57
N GLU A 33 15.74 3.19 1.79
CA GLU A 33 15.64 2.14 0.78
C GLU A 33 16.39 2.54 -0.49
N GLY A 1 3.96 -12.68 -3.03
CA GLY A 1 4.11 -11.46 -3.79
C GLY A 1 4.35 -10.26 -2.90
N PHE A 2 5.49 -10.25 -2.22
CA PHE A 2 5.85 -9.15 -1.33
C PHE A 2 6.03 -7.85 -2.11
N PHE A 3 6.13 -7.98 -3.43
CA PHE A 3 6.32 -6.82 -4.30
C PHE A 3 5.03 -6.51 -5.07
N ALA A 4 4.11 -7.46 -5.08
CA ALA A 4 2.84 -7.30 -5.77
C ALA A 4 1.67 -7.40 -4.81
N LEU A 5 1.95 -7.27 -3.52
CA LEU A 5 0.91 -7.34 -2.50
C LEU A 5 0.13 -6.04 -2.41
N ILE A 6 0.67 -4.98 -3.00
CA ILE A 6 0.02 -3.68 -2.99
C ILE A 6 -1.26 -3.71 -3.80
N PRO A 7 -1.17 -4.16 -5.06
CA PRO A 7 -2.32 -4.25 -5.97
C PRO A 7 -3.29 -5.34 -5.55
N LYS A 8 -2.79 -6.35 -4.84
CA LYS A 8 -3.61 -7.46 -4.38
C LYS A 8 -4.31 -7.12 -3.07
N ILE A 9 -3.75 -6.14 -2.35
CA ILE A 9 -4.32 -5.71 -1.07
C ILE A 9 -5.74 -5.19 -1.26
N ILE A 10 -5.98 -4.52 -2.37
CA ILE A 10 -7.30 -3.96 -2.66
C ILE A 10 -8.12 -4.93 -3.52
N SER A 11 -7.42 -5.84 -4.20
CA SER A 11 -8.09 -6.81 -5.06
C SER A 11 -9.21 -7.52 -4.31
N SER A 12 -8.97 -7.81 -3.03
CA SER A 12 -9.96 -8.49 -2.20
C SER A 12 -10.89 -7.49 -1.55
N PRO A 13 -10.36 -6.74 -0.56
CA PRO A 13 -11.14 -5.73 0.18
C PRO A 13 -11.48 -4.53 -0.68
N LEU A 14 -12.06 -3.50 -0.07
CA LEU A 14 -12.43 -2.29 -0.78
C LEU A 14 -11.99 -1.05 -0.01
N PHE A 15 -10.84 -1.15 0.65
CA PHE A 15 -10.29 -0.03 1.42
C PHE A 15 -9.42 0.85 0.55
N LYS A 16 -9.46 0.61 -0.76
CA LYS A 16 -8.66 1.38 -1.71
C LYS A 16 -8.74 2.88 -1.39
N THR A 17 -9.86 3.30 -0.82
CA THR A 17 -10.07 4.70 -0.46
C THR A 17 -9.00 5.18 0.50
N LEU A 18 -8.70 4.35 1.50
CA LEU A 18 -7.70 4.69 2.51
C LEU A 18 -6.31 4.23 2.07
N LEU A 19 -6.27 3.39 1.04
CA LEU A 19 -5.01 2.87 0.52
C LEU A 19 -4.08 4.02 0.14
N SER A 20 -4.63 5.05 -0.47
CA SER A 20 -3.85 6.21 -0.89
C SER A 20 -3.31 6.96 0.33
N ALA A 21 -3.96 6.79 1.46
CA ALA A 21 -3.55 7.44 2.70
C ALA A 21 -2.51 6.61 3.45
N VAL A 22 -2.74 5.30 3.51
CA VAL A 22 -1.83 4.40 4.19
C VAL A 22 -0.62 4.07 3.32
N GLY A 23 -0.82 4.12 2.00
CA GLY A 23 0.26 3.83 1.08
C GLY A 23 1.29 4.94 1.02
N SER A 24 0.87 6.16 1.32
CA SER A 24 1.77 7.31 1.30
C SER A 24 2.60 7.37 2.57
N ALA A 25 2.02 6.91 3.68
CA ALA A 25 2.71 6.91 4.96
C ALA A 25 3.61 5.69 5.11
N LEU A 26 3.21 4.59 4.46
CA LEU A 26 3.98 3.36 4.52
C LEU A 26 5.15 3.39 3.54
N SER A 27 5.08 4.29 2.57
CA SER A 27 6.13 4.43 1.58
C SER A 27 6.91 5.72 1.79
N SER A 28 6.50 6.50 2.78
CA SER A 28 7.16 7.76 3.10
C SER A 28 8.40 7.53 3.94
N SER A 29 8.66 6.26 4.27
CA SER A 29 9.81 5.90 5.08
C SER A 29 10.76 4.98 4.30
N GLY A 30 10.77 5.15 2.98
CA GLY A 30 11.63 4.32 2.15
C GLY A 30 12.91 5.04 1.75
N GLY A 31 13.28 6.06 2.52
CA GLY A 31 14.49 6.80 2.22
C GLY A 31 15.62 6.49 3.18
N GLN A 32 15.57 5.31 3.79
CA GLN A 32 16.58 4.90 4.74
C GLN A 32 17.52 3.87 4.12
N GLU A 33 17.25 3.50 2.86
CA GLU A 33 18.06 2.53 2.17
C GLU A 33 19.02 3.21 1.18
N GLY A 1 3.91 -12.82 -3.16
CA GLY A 1 4.01 -11.64 -3.99
C GLY A 1 4.27 -10.38 -3.19
N PHE A 2 5.43 -10.32 -2.54
CA PHE A 2 5.80 -9.17 -1.73
C PHE A 2 5.94 -7.91 -2.59
N PHE A 3 6.01 -8.12 -3.91
CA PHE A 3 6.15 -7.01 -4.85
C PHE A 3 4.84 -6.76 -5.59
N ALA A 4 3.93 -7.72 -5.51
CA ALA A 4 2.64 -7.61 -6.18
C ALA A 4 1.49 -7.65 -5.17
N LEU A 5 1.82 -7.46 -3.90
CA LEU A 5 0.82 -7.48 -2.83
C LEU A 5 0.04 -6.17 -2.80
N ILE A 6 0.57 -5.14 -3.46
CA ILE A 6 -0.08 -3.84 -3.51
C ILE A 6 -1.41 -3.92 -4.26
N PRO A 7 -1.36 -4.44 -5.49
CA PRO A 7 -2.55 -4.58 -6.34
C PRO A 7 -3.51 -5.65 -5.82
N LYS A 8 -2.97 -6.61 -5.08
CA LYS A 8 -3.78 -7.69 -4.53
C LYS A 8 -4.41 -7.27 -3.20
N ILE A 9 -3.82 -6.26 -2.57
CA ILE A 9 -4.34 -5.76 -1.29
C ILE A 9 -5.78 -5.27 -1.43
N ILE A 10 -6.07 -4.62 -2.55
CA ILE A 10 -7.41 -4.11 -2.80
C ILE A 10 -8.23 -5.11 -3.60
N SER A 11 -7.56 -6.04 -4.26
CA SER A 11 -8.23 -7.06 -5.06
C SER A 11 -9.34 -7.73 -4.27
N SER A 12 -9.09 -7.95 -2.97
CA SER A 12 -10.07 -8.59 -2.10
C SER A 12 -10.94 -7.55 -1.41
N PRO A 13 -10.34 -6.85 -0.42
CA PRO A 13 -11.04 -5.81 0.33
C PRO A 13 -11.33 -4.57 -0.50
N LEU A 14 -11.88 -3.54 0.15
CA LEU A 14 -12.20 -2.30 -0.55
C LEU A 14 -11.72 -1.09 0.24
N PHE A 15 -10.53 -1.22 0.84
CA PHE A 15 -9.94 -0.14 1.61
C PHE A 15 -9.13 0.80 0.73
N LYS A 16 -9.21 0.58 -0.58
CA LYS A 16 -8.48 1.40 -1.54
C LYS A 16 -8.58 2.88 -1.18
N THR A 17 -9.67 3.25 -0.52
CA THR A 17 -9.88 4.63 -0.11
C THR A 17 -8.83 5.09 0.89
N LEU A 18 -8.52 4.23 1.86
CA LEU A 18 -7.52 4.54 2.87
C LEU A 18 -6.12 4.20 2.38
N LEU A 19 -6.05 3.37 1.34
CA LEU A 19 -4.76 2.97 0.78
C LEU A 19 -3.93 4.19 0.38
N SER A 20 -4.59 5.17 -0.23
CA SER A 20 -3.91 6.38 -0.65
C SER A 20 -3.41 7.18 0.55
N ALA A 21 -4.01 6.92 1.70
CA ALA A 21 -3.62 7.62 2.93
C ALA A 21 -2.47 6.90 3.63
N VAL A 22 -2.57 5.58 3.70
CA VAL A 22 -1.54 4.77 4.35
C VAL A 22 -0.35 4.56 3.43
N GLY A 23 -0.59 4.61 2.12
CA GLY A 23 0.47 4.43 1.15
C GLY A 23 1.38 5.63 1.06
N SER A 24 0.84 6.80 1.40
CA SER A 24 1.62 8.04 1.34
C SER A 24 2.51 8.17 2.58
N ALA A 25 2.03 7.65 3.71
CA ALA A 25 2.78 7.71 4.96
C ALA A 25 3.79 6.58 5.05
N LEU A 26 3.46 5.45 4.42
CA LEU A 26 4.34 4.29 4.44
C LEU A 26 5.48 4.45 3.44
N SER A 27 5.29 5.35 2.48
CA SER A 27 6.30 5.60 1.46
C SER A 27 7.03 6.91 1.74
N SER A 28 6.61 7.61 2.78
CA SER A 28 7.22 8.89 3.15
C SER A 28 8.52 8.65 3.91
N SER A 29 8.84 7.39 4.16
CA SER A 29 10.06 7.03 4.87
C SER A 29 11.00 6.23 3.99
N GLY A 30 10.99 6.53 2.69
CA GLY A 30 11.84 5.82 1.76
C GLY A 30 13.32 6.05 2.04
N GLY A 31 13.62 7.10 2.78
CA GLY A 31 15.00 7.41 3.11
C GLY A 31 15.67 6.30 3.91
N GLN A 32 14.85 5.47 4.55
CA GLN A 32 15.38 4.36 5.35
C GLN A 32 15.72 3.16 4.46
N GLU A 33 15.48 3.31 3.16
CA GLU A 33 15.75 2.24 2.21
C GLU A 33 16.98 2.57 1.37
N GLY A 1 4.36 -12.84 -4.36
CA GLY A 1 3.14 -12.08 -4.14
C GLY A 1 3.36 -10.90 -3.20
N PHE A 2 4.45 -10.96 -2.44
CA PHE A 2 4.78 -9.89 -1.49
C PHE A 2 5.14 -8.61 -2.22
N PHE A 3 5.35 -8.71 -3.54
CA PHE A 3 5.71 -7.56 -4.35
C PHE A 3 4.54 -7.16 -5.25
N ALA A 4 3.58 -8.06 -5.40
CA ALA A 4 2.42 -7.80 -6.24
C ALA A 4 1.12 -7.90 -5.43
N LEU A 5 1.25 -7.80 -4.11
CA LEU A 5 0.09 -7.88 -3.23
C LEU A 5 -0.64 -6.54 -3.15
N ILE A 6 0.00 -5.50 -3.67
CA ILE A 6 -0.59 -4.17 -3.67
C ILE A 6 -1.90 -4.14 -4.45
N PRO A 7 -1.87 -4.65 -5.69
CA PRO A 7 -3.05 -4.70 -6.56
C PRO A 7 -4.08 -5.71 -6.07
N LYS A 8 -3.60 -6.74 -5.38
CA LYS A 8 -4.49 -7.78 -4.85
C LYS A 8 -5.09 -7.36 -3.52
N ILE A 9 -4.45 -6.41 -2.85
CA ILE A 9 -4.91 -5.92 -1.56
C ILE A 9 -6.31 -5.31 -1.69
N ILE A 10 -6.54 -4.58 -2.78
CA ILE A 10 -7.83 -3.95 -3.02
C ILE A 10 -8.73 -4.84 -3.87
N SER A 11 -8.12 -5.79 -4.57
CA SER A 11 -8.88 -6.71 -5.42
C SER A 11 -10.04 -7.32 -4.65
N SER A 12 -9.82 -7.63 -3.38
CA SER A 12 -10.85 -8.22 -2.54
C SER A 12 -11.63 -7.14 -1.79
N PRO A 13 -10.99 -6.54 -0.78
CA PRO A 13 -11.60 -5.49 0.03
C PRO A 13 -11.79 -4.19 -0.75
N LEU A 14 -12.24 -3.14 -0.05
CA LEU A 14 -12.46 -1.86 -0.68
C LEU A 14 -11.87 -0.73 0.17
N PHE A 15 -10.71 -0.99 0.75
CA PHE A 15 -10.03 0.01 1.58
C PHE A 15 -9.14 0.90 0.74
N LYS A 16 -9.23 0.77 -0.58
CA LYS A 16 -8.43 1.56 -1.49
C LYS A 16 -8.41 3.03 -1.06
N THR A 17 -9.46 3.45 -0.37
CA THR A 17 -9.57 4.83 0.10
C THR A 17 -8.48 5.14 1.12
N LEU A 18 -8.25 4.21 2.04
CA LEU A 18 -7.24 4.39 3.07
C LEU A 18 -5.87 3.95 2.57
N LEU A 19 -5.86 3.18 1.49
CA LEU A 19 -4.62 2.70 0.91
C LEU A 19 -3.67 3.85 0.58
N SER A 20 -4.25 4.92 0.02
CA SER A 20 -3.47 6.09 -0.35
C SER A 20 -2.91 6.79 0.89
N ALA A 21 -3.53 6.52 2.03
CA ALA A 21 -3.09 7.12 3.29
C ALA A 21 -2.02 6.28 3.96
N VAL A 22 -2.23 4.96 3.97
CA VAL A 22 -1.27 4.04 4.57
C VAL A 22 -0.09 3.79 3.65
N GLY A 23 -0.33 3.92 2.35
CA GLY A 23 0.73 3.69 1.37
C GLY A 23 1.74 4.82 1.34
N SER A 24 1.30 6.01 1.74
CA SER A 24 2.18 7.18 1.75
C SER A 24 3.05 7.19 3.00
N ALA A 25 2.51 6.65 4.10
CA ALA A 25 3.25 6.59 5.36
C ALA A 25 4.17 5.37 5.39
N LEU A 26 3.77 4.31 4.71
CA LEU A 26 4.56 3.08 4.67
C LEU A 26 5.70 3.21 3.67
N SER A 27 5.58 4.15 2.75
CA SER A 27 6.60 4.37 1.73
C SER A 27 7.37 5.66 2.00
N SER A 28 6.96 6.37 3.04
CA SER A 28 7.61 7.63 3.40
C SER A 28 8.89 7.37 4.19
N SER A 29 9.19 6.10 4.44
CA SER A 29 10.38 5.71 5.18
C SER A 29 11.44 5.16 4.24
N GLY A 30 11.40 5.59 2.98
CA GLY A 30 12.37 5.13 2.00
C GLY A 30 13.25 6.25 1.49
N GLY A 31 13.41 7.29 2.30
CA GLY A 31 14.23 8.42 1.90
C GLY A 31 15.56 8.46 2.64
N GLN A 32 15.53 8.12 3.92
CA GLN A 32 16.73 8.12 4.74
C GLN A 32 17.53 6.84 4.53
N GLU A 33 17.03 5.96 3.68
CA GLU A 33 17.70 4.70 3.39
C GLU A 33 19.05 4.95 2.73
N GLY A 1 3.24 -13.38 -3.04
CA GLY A 1 3.37 -12.19 -3.87
C GLY A 1 3.78 -10.97 -3.08
N PHE A 2 4.99 -11.00 -2.54
CA PHE A 2 5.51 -9.88 -1.75
C PHE A 2 5.69 -8.64 -2.62
N PHE A 3 5.63 -8.84 -3.94
CA PHE A 3 5.79 -7.73 -4.88
C PHE A 3 4.45 -7.36 -5.52
N ALA A 4 3.47 -8.25 -5.38
CA ALA A 4 2.15 -8.02 -5.93
C ALA A 4 1.07 -8.01 -4.83
N LEU A 5 1.51 -7.86 -3.60
CA LEU A 5 0.60 -7.83 -2.46
C LEU A 5 -0.13 -6.50 -2.38
N ILE A 6 0.38 -5.49 -3.09
CA ILE A 6 -0.23 -4.17 -3.11
C ILE A 6 -1.53 -4.18 -3.89
N PRO A 7 -1.47 -4.66 -5.14
CA PRO A 7 -2.63 -4.73 -6.03
C PRO A 7 -3.63 -5.79 -5.58
N LYS A 8 -3.14 -6.79 -4.86
CA LYS A 8 -3.99 -7.87 -4.37
C LYS A 8 -4.67 -7.47 -3.06
N ILE A 9 -4.06 -6.53 -2.35
CA ILE A 9 -4.60 -6.06 -1.08
C ILE A 9 -6.01 -5.49 -1.26
N ILE A 10 -6.23 -4.82 -2.38
CA ILE A 10 -7.53 -4.24 -2.68
C ILE A 10 -8.38 -5.17 -3.53
N SER A 11 -7.73 -6.10 -4.21
CA SER A 11 -8.42 -7.05 -5.06
C SER A 11 -9.57 -7.72 -4.31
N SER A 12 -9.37 -7.98 -3.03
CA SER A 12 -10.39 -8.61 -2.20
C SER A 12 -11.26 -7.55 -1.52
N PRO A 13 -10.69 -6.86 -0.53
CA PRO A 13 -11.39 -5.82 0.22
C PRO A 13 -11.65 -4.57 -0.63
N LEU A 14 -12.17 -3.53 0.01
CA LEU A 14 -12.47 -2.28 -0.67
C LEU A 14 -12.00 -1.09 0.13
N PHE A 15 -10.74 -1.14 0.58
CA PHE A 15 -10.17 -0.05 1.37
C PHE A 15 -9.21 0.79 0.53
N LYS A 16 -9.19 0.52 -0.77
CA LYS A 16 -8.32 1.25 -1.69
C LYS A 16 -8.38 2.75 -1.42
N THR A 17 -9.49 3.20 -0.84
CA THR A 17 -9.66 4.61 -0.52
C THR A 17 -8.68 5.06 0.57
N LEU A 18 -8.51 4.21 1.58
CA LEU A 18 -7.60 4.53 2.68
C LEU A 18 -6.18 4.10 2.35
N LEU A 19 -6.04 3.23 1.35
CA LEU A 19 -4.74 2.74 0.93
C LEU A 19 -3.81 3.89 0.58
N SER A 20 -4.35 4.89 -0.12
CA SER A 20 -3.57 6.06 -0.51
C SER A 20 -3.15 6.87 0.70
N ALA A 21 -3.86 6.69 1.81
CA ALA A 21 -3.57 7.41 3.04
C ALA A 21 -2.54 6.66 3.88
N VAL A 22 -2.71 5.34 3.98
CA VAL A 22 -1.79 4.51 4.75
C VAL A 22 -0.53 4.21 3.96
N GLY A 23 -0.64 4.22 2.64
CA GLY A 23 0.50 3.95 1.79
C GLY A 23 1.48 5.12 1.76
N SER A 24 0.98 6.32 2.00
CA SER A 24 1.83 7.51 1.99
C SER A 24 2.57 7.66 3.31
N ALA A 25 1.95 7.19 4.39
CA ALA A 25 2.56 7.27 5.72
C ALA A 25 3.51 6.10 5.95
N LEU A 26 3.20 4.96 5.33
CA LEU A 26 4.03 3.76 5.47
C LEU A 26 5.26 3.84 4.57
N SER A 27 5.19 4.70 3.56
CA SER A 27 6.29 4.86 2.62
C SER A 27 7.00 6.20 2.85
N SER A 28 6.48 6.99 3.78
CA SER A 28 7.07 8.29 4.09
C SER A 28 8.27 8.14 5.02
N SER A 29 8.57 6.91 5.40
CA SER A 29 9.69 6.63 6.28
C SER A 29 10.71 5.72 5.60
N GLY A 30 10.80 5.82 4.28
CA GLY A 30 11.73 5.00 3.52
C GLY A 30 12.86 5.82 2.91
N GLY A 31 13.19 6.93 3.55
CA GLY A 31 14.25 7.79 3.03
C GLY A 31 15.59 7.07 2.96
N GLN A 32 15.71 5.98 3.72
CA GLN A 32 16.94 5.21 3.74
C GLN A 32 16.92 4.12 2.68
N GLU A 33 15.82 4.04 1.94
CA GLU A 33 15.67 3.03 0.89
C GLU A 33 16.01 3.62 -0.48
N GLY A 1 4.96 -12.88 -4.25
CA GLY A 1 3.72 -12.18 -4.02
C GLY A 1 3.91 -10.94 -3.16
N PHE A 2 5.05 -10.86 -2.47
CA PHE A 2 5.35 -9.72 -1.63
C PHE A 2 5.62 -8.48 -2.45
N PHE A 3 5.77 -8.67 -3.77
CA PHE A 3 6.04 -7.57 -4.67
C PHE A 3 4.81 -7.24 -5.51
N ALA A 4 3.85 -8.16 -5.54
CA ALA A 4 2.63 -7.97 -6.30
C ALA A 4 1.40 -8.06 -5.40
N LEU A 5 1.62 -7.94 -4.09
CA LEU A 5 0.54 -8.00 -3.12
C LEU A 5 -0.17 -6.65 -3.01
N ILE A 6 0.46 -5.61 -3.56
CA ILE A 6 -0.11 -4.28 -3.54
C ILE A 6 -1.43 -4.23 -4.30
N PRO A 7 -1.41 -4.69 -5.56
CA PRO A 7 -2.59 -4.70 -6.42
C PRO A 7 -3.62 -5.73 -5.97
N LYS A 8 -3.16 -6.77 -5.28
CA LYS A 8 -4.03 -7.82 -4.78
C LYS A 8 -4.65 -7.43 -3.45
N ILE A 9 -3.99 -6.52 -2.73
CA ILE A 9 -4.48 -6.06 -1.44
C ILE A 9 -5.87 -5.43 -1.57
N ILE A 10 -6.08 -4.72 -2.66
CA ILE A 10 -7.37 -4.07 -2.92
C ILE A 10 -8.27 -4.94 -3.77
N SER A 11 -7.67 -5.87 -4.50
CA SER A 11 -8.42 -6.76 -5.37
C SER A 11 -9.56 -7.45 -4.60
N SER A 12 -9.29 -7.76 -3.33
CA SER A 12 -10.29 -8.41 -2.49
C SER A 12 -11.13 -7.38 -1.75
N PRO A 13 -10.52 -6.72 -0.75
CA PRO A 13 -11.20 -5.71 0.06
C PRO A 13 -11.48 -4.43 -0.72
N LEU A 14 -11.99 -3.41 -0.04
CA LEU A 14 -12.29 -2.14 -0.67
C LEU A 14 -11.75 -0.97 0.15
N PHE A 15 -10.60 -1.19 0.77
CA PHE A 15 -9.97 -0.16 1.59
C PHE A 15 -9.11 0.77 0.73
N LYS A 16 -9.21 0.60 -0.58
CA LYS A 16 -8.44 1.42 -1.52
C LYS A 16 -8.48 2.89 -1.11
N THR A 17 -9.57 3.29 -0.48
CA THR A 17 -9.74 4.67 -0.03
C THR A 17 -8.65 5.06 0.97
N LEU A 18 -8.34 4.15 1.88
CA LEU A 18 -7.32 4.40 2.90
C LEU A 18 -5.94 4.01 2.38
N LEU A 19 -5.92 3.22 1.30
CA LEU A 19 -4.66 2.78 0.71
C LEU A 19 -3.78 3.97 0.35
N SER A 20 -4.38 4.97 -0.28
CA SER A 20 -3.65 6.17 -0.68
C SER A 20 -3.15 6.94 0.54
N ALA A 21 -3.78 6.69 1.68
CA ALA A 21 -3.39 7.35 2.93
C ALA A 21 -2.27 6.59 3.63
N VAL A 22 -2.41 5.27 3.71
CA VAL A 22 -1.40 4.43 4.35
C VAL A 22 -0.20 4.21 3.44
N GLY A 23 -0.45 4.26 2.13
CA GLY A 23 0.62 4.05 1.17
C GLY A 23 1.57 5.24 1.11
N SER A 24 1.07 6.42 1.45
CA SER A 24 1.87 7.63 1.43
C SER A 24 2.76 7.73 2.67
N ALA A 25 2.24 7.22 3.78
CA ALA A 25 2.99 7.24 5.04
C ALA A 25 3.96 6.07 5.13
N LEU A 26 3.60 4.97 4.49
CA LEU A 26 4.44 3.77 4.50
C LEU A 26 5.59 3.91 3.51
N SER A 27 5.44 4.82 2.56
CA SER A 27 6.47 5.06 1.55
C SER A 27 7.24 6.34 1.84
N SER A 28 6.83 7.05 2.88
CA SER A 28 7.47 8.30 3.28
C SER A 28 8.75 8.03 4.06
N SER A 29 9.03 6.75 4.29
CA SER A 29 10.22 6.36 5.04
C SER A 29 11.25 5.72 4.11
N GLY A 30 11.21 6.10 2.84
CA GLY A 30 12.15 5.55 1.87
C GLY A 30 13.56 6.04 2.10
N GLY A 31 13.69 7.24 2.64
CA GLY A 31 15.01 7.80 2.90
C GLY A 31 15.80 7.00 3.92
N GLN A 32 15.08 6.35 4.83
CA GLN A 32 15.72 5.53 5.86
C GLN A 32 16.01 4.13 5.35
N GLU A 33 15.63 3.87 4.10
CA GLU A 33 15.84 2.56 3.50
C GLU A 33 17.32 2.17 3.55
N GLY A 1 3.54 -13.33 -3.34
CA GLY A 1 3.68 -12.14 -4.15
C GLY A 1 4.01 -10.92 -3.32
N PHE A 2 5.18 -10.93 -2.69
CA PHE A 2 5.62 -9.82 -1.86
C PHE A 2 5.82 -8.56 -2.71
N PHE A 3 5.87 -8.73 -4.02
CA PHE A 3 6.06 -7.62 -4.94
C PHE A 3 4.75 -7.29 -5.67
N ALA A 4 3.80 -8.20 -5.60
CA ALA A 4 2.51 -8.01 -6.25
C ALA A 4 1.37 -8.03 -5.22
N LEU A 5 1.71 -7.85 -3.96
CA LEU A 5 0.73 -7.85 -2.89
C LEU A 5 0.00 -6.51 -2.83
N ILE A 6 0.56 -5.50 -3.48
CA ILE A 6 -0.04 -4.18 -3.51
C ILE A 6 -1.37 -4.19 -4.26
N PRO A 7 -1.34 -4.68 -5.50
CA PRO A 7 -2.53 -4.76 -6.35
C PRO A 7 -3.53 -5.80 -5.85
N LYS A 8 -3.03 -6.79 -5.13
CA LYS A 8 -3.88 -7.84 -4.59
C LYS A 8 -4.51 -7.42 -3.27
N ILE A 9 -3.88 -6.45 -2.61
CA ILE A 9 -4.37 -5.96 -1.33
C ILE A 9 -5.78 -5.39 -1.47
N ILE A 10 -6.03 -4.72 -2.59
CA ILE A 10 -7.33 -4.13 -2.86
C ILE A 10 -8.22 -5.07 -3.67
N SER A 11 -7.58 -6.01 -4.37
CA SER A 11 -8.30 -6.97 -5.19
C SER A 11 -9.43 -7.63 -4.39
N SER A 12 -9.17 -7.89 -3.11
CA SER A 12 -10.16 -8.51 -2.25
C SER A 12 -11.00 -7.47 -1.53
N PRO A 13 -10.39 -6.79 -0.54
CA PRO A 13 -11.08 -5.76 0.24
C PRO A 13 -11.35 -4.50 -0.58
N LEU A 14 -11.88 -3.47 0.08
CA LEU A 14 -12.18 -2.22 -0.59
C LEU A 14 -11.67 -1.03 0.22
N PHE A 15 -10.51 -1.19 0.85
CA PHE A 15 -9.91 -0.14 1.66
C PHE A 15 -9.10 0.82 0.79
N LYS A 16 -9.18 0.63 -0.52
CA LYS A 16 -8.46 1.48 -1.46
C LYS A 16 -8.55 2.95 -1.05
N THR A 17 -9.65 3.32 -0.42
CA THR A 17 -9.86 4.69 0.02
C THR A 17 -8.80 5.10 1.03
N LEU A 18 -8.49 4.22 1.96
CA LEU A 18 -7.47 4.49 2.98
C LEU A 18 -6.08 4.15 2.47
N LEU A 19 -6.02 3.35 1.41
CA LEU A 19 -4.75 2.94 0.83
C LEU A 19 -3.91 4.17 0.46
N SER A 20 -4.56 5.17 -0.12
CA SER A 20 -3.88 6.40 -0.53
C SER A 20 -3.35 7.15 0.69
N ALA A 21 -3.94 6.88 1.85
CA ALA A 21 -3.54 7.53 3.08
C ALA A 21 -2.39 6.78 3.75
N VAL A 22 -2.50 5.45 3.80
CA VAL A 22 -1.47 4.62 4.41
C VAL A 22 -0.29 4.44 3.47
N GLY A 23 -0.55 4.51 2.17
CA GLY A 23 0.51 4.35 1.20
C GLY A 23 1.44 5.55 1.13
N SER A 24 0.92 6.71 1.50
CA SER A 24 1.69 7.95 1.47
C SER A 24 2.58 8.05 2.72
N ALA A 25 2.11 7.47 3.82
CA ALA A 25 2.85 7.50 5.07
C ALA A 25 3.91 6.39 5.11
N LEU A 26 3.59 5.26 4.48
CA LEU A 26 4.50 4.12 4.45
C LEU A 26 5.62 4.36 3.43
N SER A 27 5.37 5.25 2.48
CA SER A 27 6.35 5.56 1.45
C SER A 27 7.00 6.91 1.72
N SER A 28 6.54 7.59 2.76
CA SER A 28 7.07 8.90 3.12
C SER A 28 8.37 8.76 3.90
N SER A 29 8.78 7.52 4.15
CA SER A 29 10.00 7.25 4.90
C SER A 29 11.06 6.61 3.99
N GLY A 30 11.01 6.96 2.71
CA GLY A 30 11.96 6.42 1.76
C GLY A 30 13.36 6.97 1.96
N GLY A 31 13.45 8.12 2.62
CA GLY A 31 14.74 8.75 2.86
C GLY A 31 15.59 7.95 3.84
N GLN A 32 14.94 7.11 4.63
CA GLN A 32 15.64 6.30 5.63
C GLN A 32 16.25 5.06 4.97
N GLU A 33 16.05 4.92 3.66
CA GLU A 33 16.57 3.77 2.93
C GLU A 33 17.69 4.21 1.99
N GLY A 1 4.24 -12.10 -2.64
CA GLY A 1 4.44 -10.85 -3.35
C GLY A 1 4.51 -9.66 -2.43
N PHE A 2 5.61 -9.55 -1.68
CA PHE A 2 5.79 -8.45 -0.74
C PHE A 2 5.96 -7.13 -1.49
N PHE A 3 6.18 -7.22 -2.80
CA PHE A 3 6.36 -6.04 -3.62
C PHE A 3 5.15 -5.81 -4.53
N ALA A 4 4.32 -6.84 -4.66
CA ALA A 4 3.13 -6.75 -5.49
C ALA A 4 1.87 -7.03 -4.68
N LEU A 5 1.98 -6.88 -3.36
CA LEU A 5 0.85 -7.13 -2.48
C LEU A 5 -0.07 -5.91 -2.41
N ILE A 6 0.42 -4.78 -2.91
CA ILE A 6 -0.35 -3.55 -2.91
C ILE A 6 -1.63 -3.70 -3.74
N PRO A 7 -1.49 -4.21 -4.96
CA PRO A 7 -2.62 -4.42 -5.86
C PRO A 7 -3.54 -5.55 -5.39
N LYS A 8 -2.97 -6.50 -4.65
CA LYS A 8 -3.75 -7.62 -4.15
C LYS A 8 -4.46 -7.25 -2.84
N ILE A 9 -3.89 -6.28 -2.12
CA ILE A 9 -4.48 -5.83 -0.87
C ILE A 9 -5.89 -5.30 -1.08
N ILE A 10 -6.11 -4.63 -2.21
CA ILE A 10 -7.41 -4.07 -2.54
C ILE A 10 -8.22 -5.04 -3.39
N SER A 11 -7.53 -5.97 -4.04
CA SER A 11 -8.19 -6.95 -4.90
C SER A 11 -9.34 -7.63 -4.16
N SER A 12 -9.13 -7.90 -2.87
CA SER A 12 -10.15 -8.55 -2.05
C SER A 12 -11.08 -7.52 -1.42
N PRO A 13 -10.55 -6.78 -0.44
CA PRO A 13 -11.32 -5.74 0.26
C PRO A 13 -11.63 -4.55 -0.62
N LEU A 14 -12.21 -3.50 -0.03
CA LEU A 14 -12.55 -2.29 -0.76
C LEU A 14 -12.10 -1.04 -0.01
N PHE A 15 -10.97 -1.15 0.67
CA PHE A 15 -10.42 -0.04 1.44
C PHE A 15 -9.52 0.82 0.57
N LYS A 16 -9.54 0.57 -0.73
CA LYS A 16 -8.71 1.31 -1.68
C LYS A 16 -8.77 2.81 -1.38
N THR A 17 -9.90 3.26 -0.85
CA THR A 17 -10.08 4.67 -0.52
C THR A 17 -9.02 5.15 0.47
N LEU A 18 -8.76 4.33 1.49
CA LEU A 18 -7.77 4.67 2.50
C LEU A 18 -6.38 4.18 2.09
N LEU A 19 -6.34 3.32 1.09
CA LEU A 19 -5.08 2.78 0.59
C LEU A 19 -4.11 3.90 0.21
N SER A 20 -4.65 4.94 -0.42
CA SER A 20 -3.83 6.08 -0.84
C SER A 20 -3.31 6.84 0.37
N ALA A 21 -3.99 6.69 1.50
CA ALA A 21 -3.58 7.37 2.74
C ALA A 21 -2.58 6.53 3.51
N VAL A 22 -2.82 5.22 3.59
CA VAL A 22 -1.94 4.32 4.31
C VAL A 22 -0.73 3.95 3.45
N GLY A 23 -0.90 4.00 2.14
CA GLY A 23 0.20 3.67 1.24
C GLY A 23 1.24 4.77 1.18
N SER A 24 0.84 5.99 1.46
CA SER A 24 1.74 7.13 1.44
C SER A 24 2.56 7.20 2.73
N ALA A 25 1.96 6.77 3.82
CA ALA A 25 2.63 6.77 5.12
C ALA A 25 3.50 5.53 5.29
N LEU A 26 3.10 4.44 4.67
CA LEU A 26 3.85 3.19 4.75
C LEU A 26 5.04 3.20 3.80
N SER A 27 4.98 4.08 2.81
CA SER A 27 6.06 4.19 1.84
C SER A 27 6.86 5.47 2.04
N SER A 28 6.43 6.27 3.01
CA SER A 28 7.11 7.53 3.31
C SER A 28 8.34 7.29 4.18
N SER A 29 8.57 6.03 4.53
CA SER A 29 9.72 5.66 5.36
C SER A 29 10.72 4.84 4.56
N GLY A 30 10.75 5.05 3.25
CA GLY A 30 11.66 4.32 2.40
C GLY A 30 12.78 5.18 1.85
N GLY A 31 13.10 6.25 2.58
CA GLY A 31 14.15 7.16 2.15
C GLY A 31 15.52 6.50 2.21
N GLN A 32 15.64 5.43 2.98
CA GLN A 32 16.91 4.72 3.12
C GLN A 32 17.02 3.61 2.09
N GLU A 33 15.98 3.45 1.28
CA GLU A 33 15.97 2.42 0.25
C GLU A 33 16.63 2.91 -1.04
N GLY A 1 4.77 -12.94 -4.60
CA GLY A 1 3.54 -12.22 -4.33
C GLY A 1 3.75 -10.99 -3.47
N PHE A 2 4.89 -10.94 -2.79
CA PHE A 2 5.22 -9.81 -1.93
C PHE A 2 5.50 -8.56 -2.76
N PHE A 3 5.62 -8.73 -4.07
CA PHE A 3 5.89 -7.61 -4.97
C PHE A 3 4.65 -7.27 -5.78
N ALA A 4 3.69 -8.18 -5.81
CA ALA A 4 2.44 -7.97 -6.54
C ALA A 4 1.24 -8.05 -5.62
N LEU A 5 1.49 -7.96 -4.32
CA LEU A 5 0.41 -8.02 -3.34
C LEU A 5 -0.27 -6.66 -3.20
N ILE A 6 0.35 -5.62 -3.75
CA ILE A 6 -0.21 -4.28 -3.69
C ILE A 6 -1.53 -4.21 -4.43
N PRO A 7 -1.54 -4.65 -5.70
CA PRO A 7 -2.73 -4.65 -6.54
C PRO A 7 -3.77 -5.67 -6.08
N LYS A 8 -3.30 -6.71 -5.41
CA LYS A 8 -4.19 -7.77 -4.91
C LYS A 8 -4.78 -7.39 -3.57
N ILE A 9 -4.09 -6.50 -2.85
CA ILE A 9 -4.56 -6.04 -1.54
C ILE A 9 -5.93 -5.40 -1.64
N ILE A 10 -6.16 -4.67 -2.73
CA ILE A 10 -7.44 -4.00 -2.95
C ILE A 10 -8.38 -4.85 -3.80
N SER A 11 -7.79 -5.77 -4.56
CA SER A 11 -8.57 -6.66 -5.42
C SER A 11 -9.70 -7.33 -4.65
N SER A 12 -9.42 -7.66 -3.39
CA SER A 12 -10.41 -8.32 -2.53
C SER A 12 -11.23 -7.28 -1.76
N PRO A 13 -10.60 -6.65 -0.76
CA PRO A 13 -11.24 -5.64 0.07
C PRO A 13 -11.52 -4.35 -0.70
N LEU A 14 -12.01 -3.34 0.00
CA LEU A 14 -12.31 -2.05 -0.60
C LEU A 14 -11.74 -0.90 0.22
N PHE A 15 -10.58 -1.14 0.83
CA PHE A 15 -9.92 -0.12 1.65
C PHE A 15 -9.08 0.80 0.79
N LYS A 16 -9.19 0.65 -0.53
CA LYS A 16 -8.43 1.47 -1.46
C LYS A 16 -8.45 2.94 -1.03
N THR A 17 -9.52 3.35 -0.38
CA THR A 17 -9.66 4.73 0.09
C THR A 17 -8.55 5.09 1.06
N LEU A 18 -8.25 4.16 1.98
CA LEU A 18 -7.21 4.39 2.97
C LEU A 18 -5.84 3.99 2.43
N LEU A 19 -5.84 3.21 1.35
CA LEU A 19 -4.60 2.76 0.73
C LEU A 19 -3.71 3.95 0.37
N SER A 20 -4.31 4.97 -0.24
CA SER A 20 -3.57 6.16 -0.64
C SER A 20 -3.04 6.91 0.58
N ALA A 21 -3.65 6.64 1.74
CA ALA A 21 -3.24 7.28 2.98
C ALA A 21 -2.11 6.50 3.65
N VAL A 22 -2.27 5.18 3.71
CA VAL A 22 -1.27 4.32 4.34
C VAL A 22 -0.09 4.09 3.40
N GLY A 23 -0.35 4.17 2.10
CA GLY A 23 0.71 3.97 1.12
C GLY A 23 1.67 5.15 1.06
N SER A 24 1.18 6.32 1.42
CA SER A 24 2.01 7.53 1.40
C SER A 24 2.90 7.61 2.65
N ALA A 25 2.38 7.08 3.76
CA ALA A 25 3.13 7.09 5.00
C ALA A 25 4.10 5.91 5.08
N LEU A 26 3.75 4.81 4.41
CA LEU A 26 4.58 3.62 4.40
C LEU A 26 5.74 3.78 3.41
N SER A 27 5.57 4.68 2.45
CA SER A 27 6.60 4.93 1.44
C SER A 27 7.31 6.25 1.70
N SER A 28 6.85 6.97 2.73
CA SER A 28 7.44 8.25 3.08
C SER A 28 8.71 8.07 3.91
N SER A 29 9.05 6.81 4.18
CA SER A 29 10.24 6.50 4.96
C SER A 29 11.22 5.66 4.15
N GLY A 30 11.18 5.83 2.84
CA GLY A 30 12.06 5.08 1.97
C GLY A 30 13.51 5.48 2.13
N GLY A 31 13.76 6.79 2.23
CA GLY A 31 15.11 7.28 2.39
C GLY A 31 15.70 6.93 3.74
N GLN A 32 14.83 6.62 4.70
CA GLN A 32 15.27 6.28 6.04
C GLN A 32 15.35 4.75 6.21
N GLU A 33 15.00 4.03 5.16
CA GLU A 33 15.04 2.57 5.20
C GLU A 33 16.45 2.06 5.45
N GLY A 1 5.03 -12.63 -4.95
CA GLY A 1 3.82 -11.92 -4.56
C GLY A 1 4.09 -10.65 -3.79
N PHE A 2 5.29 -10.56 -3.23
CA PHE A 2 5.69 -9.39 -2.46
C PHE A 2 5.73 -8.15 -3.34
N PHE A 3 5.72 -8.36 -4.65
CA PHE A 3 5.77 -7.26 -5.61
C PHE A 3 4.41 -7.06 -6.27
N ALA A 4 3.53 -8.04 -6.11
CA ALA A 4 2.19 -7.96 -6.69
C ALA A 4 1.12 -8.03 -5.60
N LEU A 5 1.52 -7.80 -4.36
CA LEU A 5 0.60 -7.83 -3.24
C LEU A 5 -0.21 -6.54 -3.16
N ILE A 6 0.25 -5.51 -3.86
CA ILE A 6 -0.43 -4.23 -3.87
C ILE A 6 -1.81 -4.35 -4.51
N PRO A 7 -1.85 -4.89 -5.73
CA PRO A 7 -3.10 -5.08 -6.48
C PRO A 7 -4.00 -6.14 -5.86
N LYS A 8 -3.38 -7.07 -5.14
CA LYS A 8 -4.12 -8.15 -4.49
C LYS A 8 -4.67 -7.71 -3.15
N ILE A 9 -4.07 -6.66 -2.58
CA ILE A 9 -4.50 -6.13 -1.29
C ILE A 9 -5.90 -5.54 -1.39
N ILE A 10 -6.18 -4.89 -2.51
CA ILE A 10 -7.49 -4.27 -2.73
C ILE A 10 -8.42 -5.21 -3.49
N SER A 11 -7.83 -6.18 -4.20
CA SER A 11 -8.60 -7.13 -4.97
C SER A 11 -9.70 -7.77 -4.13
N SER A 12 -9.40 -8.00 -2.85
CA SER A 12 -10.36 -8.60 -1.94
C SER A 12 -11.15 -7.52 -1.21
N PRO A 13 -10.50 -6.84 -0.26
CA PRO A 13 -11.13 -5.78 0.53
C PRO A 13 -11.42 -4.53 -0.31
N LEU A 14 -11.91 -3.49 0.34
CA LEU A 14 -12.23 -2.24 -0.34
C LEU A 14 -11.66 -1.04 0.43
N PHE A 15 -10.47 -1.23 1.01
CA PHE A 15 -9.83 -0.16 1.77
C PHE A 15 -9.02 0.75 0.84
N LYS A 16 -9.15 0.52 -0.46
CA LYS A 16 -8.43 1.33 -1.45
C LYS A 16 -8.48 2.81 -1.09
N THR A 17 -9.56 3.22 -0.42
CA THR A 17 -9.72 4.61 -0.02
C THR A 17 -8.62 5.04 0.94
N LEU A 18 -8.30 4.17 1.89
CA LEU A 18 -7.27 4.46 2.88
C LEU A 18 -5.89 4.08 2.34
N LEU A 19 -5.87 3.25 1.31
CA LEU A 19 -4.62 2.80 0.70
C LEU A 19 -3.77 3.99 0.27
N SER A 20 -4.42 4.99 -0.33
CA SER A 20 -3.73 6.19 -0.78
C SER A 20 -3.16 6.97 0.40
N ALA A 21 -3.72 6.74 1.58
CA ALA A 21 -3.28 7.43 2.79
C ALA A 21 -2.13 6.68 3.44
N VAL A 22 -2.25 5.36 3.53
CA VAL A 22 -1.22 4.53 4.14
C VAL A 22 -0.07 4.29 3.18
N GLY A 23 -0.36 4.34 1.89
CA GLY A 23 0.66 4.12 0.88
C GLY A 23 1.61 5.30 0.76
N SER A 24 1.11 6.49 1.11
CA SER A 24 1.92 7.70 1.02
C SER A 24 2.85 7.82 2.24
N ALA A 25 2.39 7.32 3.37
CA ALA A 25 3.17 7.37 4.60
C ALA A 25 4.16 6.21 4.67
N LEU A 26 3.79 5.08 4.06
CA LEU A 26 4.64 3.90 4.05
C LEU A 26 5.81 4.08 3.08
N SER A 27 5.61 4.92 2.07
CA SER A 27 6.64 5.18 1.08
C SER A 27 7.37 6.49 1.37
N SER A 28 6.94 7.17 2.42
CA SER A 28 7.54 8.44 2.81
C SER A 28 8.24 8.32 4.16
N SER A 29 8.16 7.13 4.75
CA SER A 29 8.78 6.88 6.05
C SER A 29 10.00 5.98 5.91
N GLY A 30 10.62 6.01 4.73
CA GLY A 30 11.80 5.20 4.48
C GLY A 30 13.04 6.03 4.23
N GLY A 31 13.11 7.19 4.88
CA GLY A 31 14.26 8.06 4.71
C GLY A 31 15.56 7.40 5.12
N GLN A 32 15.46 6.38 5.96
CA GLN A 32 16.64 5.66 6.44
C GLN A 32 16.99 4.51 5.50
N GLU A 33 16.19 4.36 4.44
CA GLU A 33 16.42 3.29 3.47
C GLU A 33 17.36 3.75 2.37
N GLY A 1 4.96 -12.87 -4.18
CA GLY A 1 3.72 -12.16 -3.97
C GLY A 1 3.89 -10.93 -3.10
N PHE A 2 5.01 -10.87 -2.38
CA PHE A 2 5.29 -9.73 -1.51
C PHE A 2 5.60 -8.48 -2.32
N PHE A 3 5.77 -8.66 -3.63
CA PHE A 3 6.07 -7.54 -4.53
C PHE A 3 4.86 -7.21 -5.39
N ALA A 4 3.91 -8.13 -5.46
CA ALA A 4 2.71 -7.93 -6.24
C ALA A 4 1.45 -8.01 -5.37
N LEU A 5 1.65 -7.92 -4.06
CA LEU A 5 0.53 -7.98 -3.12
C LEU A 5 -0.17 -6.62 -3.02
N ILE A 6 0.46 -5.59 -3.54
CA ILE A 6 -0.10 -4.25 -3.52
C ILE A 6 -1.39 -4.19 -4.31
N PRO A 7 -1.34 -4.63 -5.58
CA PRO A 7 -2.51 -4.64 -6.46
C PRO A 7 -3.55 -5.67 -6.04
N LYS A 8 -3.10 -6.71 -5.36
CA LYS A 8 -4.00 -7.76 -4.89
C LYS A 8 -4.65 -7.39 -3.57
N ILE A 9 -4.01 -6.48 -2.83
CA ILE A 9 -4.52 -6.03 -1.55
C ILE A 9 -5.89 -5.39 -1.70
N ILE A 10 -6.09 -4.66 -2.80
CA ILE A 10 -7.36 -4.01 -3.07
C ILE A 10 -8.25 -4.86 -3.96
N SER A 11 -7.63 -5.80 -4.68
CA SER A 11 -8.37 -6.68 -5.58
C SER A 11 -9.52 -7.36 -4.85
N SER A 12 -9.29 -7.69 -3.58
CA SER A 12 -10.31 -8.34 -2.77
C SER A 12 -11.16 -7.32 -2.03
N PRO A 13 -10.57 -6.68 -1.00
CA PRO A 13 -11.27 -5.67 -0.20
C PRO A 13 -11.51 -4.38 -0.97
N LEU A 14 -12.04 -3.37 -0.29
CA LEU A 14 -12.32 -2.09 -0.91
C LEU A 14 -11.80 -0.94 -0.06
N PHE A 15 -10.66 -1.17 0.60
CA PHE A 15 -10.05 -0.15 1.45
C PHE A 15 -9.18 0.80 0.63
N LYS A 16 -9.25 0.66 -0.69
CA LYS A 16 -8.47 1.50 -1.60
C LYS A 16 -8.52 2.96 -1.14
N THR A 17 -9.63 3.36 -0.53
CA THR A 17 -9.80 4.72 -0.06
C THR A 17 -8.72 5.08 0.97
N LEU A 18 -8.44 4.15 1.87
CA LEU A 18 -7.43 4.37 2.90
C LEU A 18 -6.04 4.00 2.40
N LEU A 19 -6.00 3.22 1.31
CA LEU A 19 -4.74 2.79 0.73
C LEU A 19 -3.85 3.99 0.41
N SER A 20 -4.44 5.01 -0.21
CA SER A 20 -3.70 6.21 -0.57
C SER A 20 -3.22 6.95 0.67
N ALA A 21 -3.85 6.66 1.81
CA ALA A 21 -3.49 7.30 3.07
C ALA A 21 -2.38 6.52 3.77
N VAL A 22 -2.52 5.20 3.82
CA VAL A 22 -1.54 4.34 4.45
C VAL A 22 -0.32 4.13 3.56
N GLY A 23 -0.55 4.22 2.25
CA GLY A 23 0.55 4.03 1.30
C GLY A 23 1.50 5.21 1.28
N SER A 24 0.99 6.39 1.64
CA SER A 24 1.81 7.60 1.65
C SER A 24 2.65 7.66 2.93
N ALA A 25 2.12 7.12 4.01
CA ALA A 25 2.83 7.11 5.29
C ALA A 25 3.81 5.95 5.37
N LEU A 26 3.48 4.86 4.70
CA LEU A 26 4.33 3.68 4.69
C LEU A 26 5.49 3.84 3.71
N SER A 27 5.34 4.76 2.77
CA SER A 27 6.36 5.02 1.77
C SER A 27 7.06 6.35 2.04
N SER A 28 6.60 7.06 3.06
CA SER A 28 7.17 8.34 3.42
C SER A 28 8.45 8.16 4.24
N SER A 29 8.80 6.90 4.50
CA SER A 29 9.99 6.60 5.28
C SER A 29 10.97 5.76 4.46
N GLY A 30 10.96 5.97 3.15
CA GLY A 30 11.85 5.23 2.28
C GLY A 30 13.12 5.99 1.96
N GLY A 31 13.44 6.99 2.78
CA GLY A 31 14.62 7.79 2.57
C GLY A 31 15.87 7.15 3.15
N GLN A 32 15.68 6.36 4.21
CA GLN A 32 16.79 5.69 4.87
C GLN A 32 16.91 4.25 4.39
N GLU A 33 16.02 3.85 3.50
CA GLU A 33 16.02 2.48 2.97
C GLU A 33 17.32 2.20 2.24
N GLY A 1 4.09 -12.56 -2.73
CA GLY A 1 4.25 -11.35 -3.51
C GLY A 1 4.32 -10.12 -2.64
N PHE A 2 5.42 -9.97 -1.91
CA PHE A 2 5.61 -8.82 -1.02
C PHE A 2 5.84 -7.56 -1.84
N PHE A 3 6.04 -7.71 -3.14
CA PHE A 3 6.27 -6.58 -4.02
C PHE A 3 5.05 -6.33 -4.91
N ALA A 4 4.18 -7.31 -4.98
CA ALA A 4 2.96 -7.20 -5.80
C ALA A 4 1.72 -7.37 -4.94
N LEU A 5 1.88 -7.27 -3.62
CA LEU A 5 0.77 -7.41 -2.70
C LEU A 5 -0.04 -6.11 -2.60
N ILE A 6 0.54 -5.03 -3.12
CA ILE A 6 -0.12 -3.74 -3.08
C ILE A 6 -1.42 -3.76 -3.90
N PRO A 7 -1.31 -4.20 -5.17
CA PRO A 7 -2.47 -4.28 -6.07
C PRO A 7 -3.44 -5.38 -5.67
N LYS A 8 -2.93 -6.40 -4.98
CA LYS A 8 -3.75 -7.51 -4.53
C LYS A 8 -4.43 -7.18 -3.19
N ILE A 9 -3.87 -6.24 -2.46
CA ILE A 9 -4.43 -5.82 -1.18
C ILE A 9 -5.85 -5.30 -1.34
N ILE A 10 -6.10 -4.60 -2.44
CA ILE A 10 -7.42 -4.05 -2.71
C ILE A 10 -8.25 -4.99 -3.58
N SER A 11 -7.55 -5.90 -4.27
CA SER A 11 -8.22 -6.86 -5.14
C SER A 11 -9.37 -7.56 -4.41
N SER A 12 -9.13 -7.88 -3.14
CA SER A 12 -10.14 -8.55 -2.32
C SER A 12 -11.06 -7.53 -1.64
N PRO A 13 -10.51 -6.80 -0.68
CA PRO A 13 -11.24 -5.79 0.08
C PRO A 13 -11.59 -4.57 -0.78
N LEU A 14 -12.14 -3.55 -0.15
CA LEU A 14 -12.52 -2.32 -0.85
C LEU A 14 -12.06 -1.09 -0.08
N PHE A 15 -10.93 -1.21 0.59
CA PHE A 15 -10.37 -0.10 1.37
C PHE A 15 -9.47 0.78 0.50
N LYS A 16 -9.52 0.55 -0.80
CA LYS A 16 -8.70 1.31 -1.74
C LYS A 16 -8.76 2.81 -1.43
N THR A 17 -9.89 3.24 -0.87
CA THR A 17 -10.07 4.64 -0.52
C THR A 17 -9.01 5.11 0.46
N LEU A 18 -8.74 4.28 1.47
CA LEU A 18 -7.73 4.61 2.47
C LEU A 18 -6.34 4.13 2.04
N LEU A 19 -6.31 3.28 1.01
CA LEU A 19 -5.05 2.76 0.51
C LEU A 19 -4.11 3.88 0.13
N SER A 20 -4.65 4.93 -0.50
CA SER A 20 -3.84 6.07 -0.92
C SER A 20 -3.31 6.83 0.30
N ALA A 21 -3.97 6.66 1.44
CA ALA A 21 -3.56 7.33 2.67
C ALA A 21 -2.53 6.48 3.42
N VAL A 22 -2.77 5.18 3.50
CA VAL A 22 -1.87 4.27 4.19
C VAL A 22 -0.67 3.92 3.32
N GLY A 23 -0.86 3.97 2.01
CA GLY A 23 0.22 3.66 1.09
C GLY A 23 1.26 4.75 1.03
N SER A 24 0.85 5.98 1.34
CA SER A 24 1.76 7.12 1.31
C SER A 24 2.60 7.17 2.58
N ALA A 25 2.02 6.73 3.68
CA ALA A 25 2.71 6.73 4.96
C ALA A 25 3.59 5.48 5.12
N LEU A 26 3.16 4.40 4.49
CA LEU A 26 3.91 3.14 4.55
C LEU A 26 5.13 3.19 3.65
N SER A 27 5.08 4.06 2.64
CA SER A 27 6.20 4.20 1.70
C SER A 27 7.05 5.41 2.06
N SER A 28 6.62 6.15 3.08
CA SER A 28 7.35 7.34 3.52
C SER A 28 8.54 6.97 4.39
N SER A 29 8.71 5.67 4.63
CA SER A 29 9.80 5.18 5.45
C SER A 29 10.72 4.27 4.64
N GLY A 30 10.75 4.48 3.32
CA GLY A 30 11.59 3.68 2.46
C GLY A 30 12.75 4.46 1.88
N GLY A 31 13.13 5.54 2.55
CA GLY A 31 14.23 6.36 2.08
C GLY A 31 15.49 6.17 2.90
N GLN A 32 15.62 4.99 3.51
CA GLN A 32 16.80 4.68 4.32
C GLN A 32 17.74 3.75 3.58
N GLU A 33 17.37 3.37 2.35
CA GLU A 33 18.19 2.49 1.54
C GLU A 33 18.94 3.27 0.48
N GLY A 1 4.78 -12.92 -4.02
CA GLY A 1 3.56 -12.17 -3.81
C GLY A 1 3.75 -10.99 -2.89
N PHE A 2 4.84 -11.01 -2.13
CA PHE A 2 5.14 -9.92 -1.20
C PHE A 2 5.48 -8.64 -1.95
N PHE A 3 5.70 -8.77 -3.26
CA PHE A 3 6.04 -7.62 -4.09
C PHE A 3 4.87 -7.23 -4.99
N ALA A 4 3.91 -8.14 -5.12
CA ALA A 4 2.74 -7.90 -5.95
C ALA A 4 1.45 -8.00 -5.13
N LEU A 5 1.59 -7.91 -3.81
CA LEU A 5 0.44 -7.99 -2.92
C LEU A 5 -0.28 -6.65 -2.84
N ILE A 6 0.36 -5.60 -3.35
CA ILE A 6 -0.22 -4.27 -3.34
C ILE A 6 -1.52 -4.23 -4.12
N PRO A 7 -1.48 -4.71 -5.37
CA PRO A 7 -2.65 -4.74 -6.26
C PRO A 7 -3.69 -5.76 -5.80
N LYS A 8 -3.23 -6.80 -5.10
CA LYS A 8 -4.12 -7.84 -4.62
C LYS A 8 -4.74 -7.44 -3.27
N ILE A 9 -4.09 -6.53 -2.58
CA ILE A 9 -4.57 -6.05 -1.29
C ILE A 9 -5.96 -5.42 -1.42
N ILE A 10 -6.18 -4.72 -2.53
CA ILE A 10 -7.46 -4.08 -2.77
C ILE A 10 -8.37 -4.96 -3.63
N SER A 11 -7.76 -5.90 -4.35
CA SER A 11 -8.51 -6.80 -5.22
C SER A 11 -9.64 -7.47 -4.44
N SER A 12 -9.39 -7.78 -3.17
CA SER A 12 -10.38 -8.43 -2.32
C SER A 12 -11.22 -7.39 -1.59
N PRO A 13 -10.61 -6.73 -0.59
CA PRO A 13 -11.29 -5.71 0.21
C PRO A 13 -11.57 -4.44 -0.59
N LEU A 14 -12.09 -3.42 0.08
CA LEU A 14 -12.40 -2.15 -0.57
C LEU A 14 -11.85 -0.98 0.25
N PHE A 15 -10.71 -1.18 0.88
CA PHE A 15 -10.08 -0.14 1.69
C PHE A 15 -9.23 0.77 0.82
N LYS A 16 -9.31 0.60 -0.49
CA LYS A 16 -8.55 1.41 -1.43
C LYS A 16 -8.59 2.89 -1.03
N THR A 17 -9.69 3.30 -0.40
CA THR A 17 -9.85 4.67 0.03
C THR A 17 -8.77 5.07 1.02
N LEU A 18 -8.47 4.17 1.95
CA LEU A 18 -7.45 4.43 2.96
C LEU A 18 -6.06 4.04 2.45
N LEU A 19 -6.03 3.24 1.39
CA LEU A 19 -4.77 2.80 0.79
C LEU A 19 -3.91 3.99 0.42
N SER A 20 -4.51 4.99 -0.22
CA SER A 20 -3.78 6.19 -0.63
C SER A 20 -3.29 6.97 0.58
N ALA A 21 -3.90 6.71 1.73
CA ALA A 21 -3.52 7.39 2.97
C ALA A 21 -2.40 6.64 3.67
N VAL A 22 -2.53 5.32 3.76
CA VAL A 22 -1.53 4.49 4.42
C VAL A 22 -0.33 4.25 3.51
N GLY A 23 -0.57 4.31 2.21
CA GLY A 23 0.50 4.10 1.25
C GLY A 23 1.45 5.29 1.17
N SER A 24 0.94 6.46 1.50
CA SER A 24 1.75 7.68 1.47
C SER A 24 2.62 7.78 2.72
N ALA A 25 2.11 7.28 3.83
CA ALA A 25 2.83 7.32 5.09
C ALA A 25 3.82 6.16 5.20
N LEU A 26 3.48 5.05 4.56
CA LEU A 26 4.34 3.87 4.59
C LEU A 26 5.48 4.01 3.58
N SER A 27 5.30 4.90 2.61
CA SER A 27 6.32 5.13 1.59
C SER A 27 7.01 6.47 1.81
N SER A 28 6.57 7.20 2.81
CA SER A 28 7.14 8.52 3.12
C SER A 28 8.42 8.37 3.92
N SER A 29 8.79 7.12 4.23
CA SER A 29 10.00 6.85 4.99
C SER A 29 10.97 6.02 4.17
N GLY A 30 10.91 6.16 2.85
CA GLY A 30 11.80 5.42 1.98
C GLY A 30 13.11 6.16 1.72
N GLY A 31 13.09 7.47 1.92
CA GLY A 31 14.28 8.27 1.70
C GLY A 31 15.43 7.86 2.60
N GLN A 32 15.10 7.20 3.70
CA GLN A 32 16.11 6.74 4.66
C GLN A 32 16.76 5.45 4.18
N GLU A 33 16.30 4.94 3.04
CA GLU A 33 16.84 3.70 2.48
C GLU A 33 18.11 3.98 1.67
N GLY A 1 4.97 -12.04 -4.92
CA GLY A 1 3.75 -11.34 -4.58
C GLY A 1 3.97 -10.26 -3.54
N PHE A 2 5.05 -10.39 -2.77
CA PHE A 2 5.37 -9.42 -1.73
C PHE A 2 5.62 -8.04 -2.33
N PHE A 3 5.84 -8.00 -3.65
CA PHE A 3 6.08 -6.75 -4.34
C PHE A 3 4.88 -6.34 -5.18
N ALA A 4 3.96 -7.27 -5.38
CA ALA A 4 2.75 -7.02 -6.16
C ALA A 4 1.50 -7.23 -5.33
N LEU A 5 1.65 -7.18 -4.01
CA LEU A 5 0.53 -7.36 -3.10
C LEU A 5 -0.27 -6.07 -2.95
N ILE A 6 0.32 -4.97 -3.42
CA ILE A 6 -0.35 -3.67 -3.34
C ILE A 6 -1.68 -3.68 -4.09
N PRO A 7 -1.64 -4.13 -5.35
CA PRO A 7 -2.84 -4.20 -6.20
C PRO A 7 -3.80 -5.29 -5.74
N LYS A 8 -3.26 -6.31 -5.10
CA LYS A 8 -4.08 -7.42 -4.62
C LYS A 8 -4.68 -7.10 -3.25
N ILE A 9 -4.05 -6.16 -2.54
CA ILE A 9 -4.52 -5.76 -1.22
C ILE A 9 -5.94 -5.20 -1.29
N ILE A 10 -6.23 -4.50 -2.37
CA ILE A 10 -7.55 -3.91 -2.55
C ILE A 10 -8.44 -4.83 -3.39
N SER A 11 -7.83 -5.74 -4.13
CA SER A 11 -8.57 -6.67 -4.96
C SER A 11 -9.66 -7.37 -4.17
N SER A 12 -9.35 -7.71 -2.92
CA SER A 12 -10.29 -8.38 -2.04
C SER A 12 -11.16 -7.38 -1.30
N PRO A 13 -10.54 -6.67 -0.33
CA PRO A 13 -11.24 -5.67 0.48
C PRO A 13 -11.61 -4.43 -0.32
N LEU A 14 -12.12 -3.40 0.36
CA LEU A 14 -12.51 -2.17 -0.29
C LEU A 14 -11.98 -0.96 0.47
N PHE A 15 -10.79 -1.11 1.06
CA PHE A 15 -10.18 -0.03 1.82
C PHE A 15 -9.33 0.86 0.92
N LYS A 16 -9.47 0.66 -0.39
CA LYS A 16 -8.71 1.44 -1.36
C LYS A 16 -8.73 2.93 -1.00
N THR A 17 -9.81 3.37 -0.35
CA THR A 17 -9.95 4.76 0.05
C THR A 17 -8.81 5.18 0.97
N LEU A 18 -8.47 4.33 1.92
CA LEU A 18 -7.40 4.61 2.86
C LEU A 18 -6.05 4.13 2.32
N LEU A 19 -6.10 3.32 1.27
CA LEU A 19 -4.89 2.78 0.65
C LEU A 19 -3.95 3.91 0.24
N SER A 20 -4.52 4.98 -0.31
CA SER A 20 -3.73 6.14 -0.73
C SER A 20 -3.10 6.84 0.45
N ALA A 21 -3.68 6.64 1.63
CA ALA A 21 -3.17 7.25 2.86
C ALA A 21 -2.11 6.38 3.50
N VAL A 22 -2.37 5.08 3.55
CA VAL A 22 -1.43 4.13 4.15
C VAL A 22 -0.30 3.80 3.19
N GLY A 23 -0.58 3.90 1.89
CA GLY A 23 0.43 3.60 0.89
C GLY A 23 1.48 4.69 0.79
N SER A 24 1.11 5.91 1.16
CA SER A 24 2.02 7.04 1.11
C SER A 24 2.94 7.05 2.33
N ALA A 25 2.42 6.57 3.45
CA ALA A 25 3.19 6.52 4.69
C ALA A 25 4.07 5.27 4.75
N LEU A 26 3.61 4.21 4.10
CA LEU A 26 4.34 2.95 4.07
C LEU A 26 5.49 3.01 3.06
N SER A 27 5.37 3.91 2.09
CA SER A 27 6.38 4.07 1.06
C SER A 27 7.20 5.33 1.28
N SER A 28 6.83 6.08 2.32
CA SER A 28 7.53 7.32 2.65
C SER A 28 8.81 7.04 3.42
N SER A 29 9.06 5.77 3.70
CA SER A 29 10.24 5.36 4.45
C SER A 29 11.18 4.53 3.57
N GLY A 30 11.10 4.75 2.26
CA GLY A 30 11.94 4.02 1.33
C GLY A 30 13.36 4.56 1.29
N GLY A 31 13.49 5.87 1.30
CA GLY A 31 14.80 6.49 1.26
C GLY A 31 15.26 6.99 2.62
N GLN A 32 14.70 6.41 3.68
CA GLN A 32 15.05 6.81 5.04
C GLN A 32 15.78 5.69 5.76
N GLU A 33 15.97 4.57 5.07
CA GLU A 33 16.67 3.43 5.65
C GLU A 33 18.17 3.51 5.39
N GLY A 1 4.68 -12.82 -4.04
CA GLY A 1 3.45 -12.08 -3.80
C GLY A 1 3.64 -10.91 -2.87
N PHE A 2 4.74 -10.92 -2.11
CA PHE A 2 5.05 -9.85 -1.17
C PHE A 2 5.37 -8.56 -1.90
N PHE A 3 5.57 -8.66 -3.22
CA PHE A 3 5.90 -7.50 -4.03
C PHE A 3 4.71 -7.12 -4.92
N ALA A 4 3.76 -8.03 -5.05
CA ALA A 4 2.59 -7.79 -5.88
C ALA A 4 1.31 -7.92 -5.06
N LEU A 5 1.44 -7.83 -3.73
CA LEU A 5 0.31 -7.94 -2.83
C LEU A 5 -0.43 -6.60 -2.73
N ILE A 6 0.19 -5.55 -3.23
CA ILE A 6 -0.40 -4.23 -3.20
C ILE A 6 -1.72 -4.20 -3.98
N PRO A 7 -1.67 -4.65 -5.23
CA PRO A 7 -2.85 -4.70 -6.10
C PRO A 7 -3.88 -5.73 -5.66
N LYS A 8 -3.40 -6.77 -4.97
CA LYS A 8 -4.26 -7.84 -4.48
C LYS A 8 -4.88 -7.45 -3.14
N ILE A 9 -4.24 -6.53 -2.44
CA ILE A 9 -4.72 -6.08 -1.14
C ILE A 9 -6.12 -5.48 -1.26
N ILE A 10 -6.37 -4.77 -2.35
CA ILE A 10 -7.67 -4.15 -2.58
C ILE A 10 -8.57 -5.05 -3.43
N SER A 11 -7.94 -5.98 -4.15
CA SER A 11 -8.68 -6.91 -5.01
C SER A 11 -9.82 -7.57 -4.23
N SER A 12 -9.57 -7.87 -2.96
CA SER A 12 -10.57 -8.50 -2.12
C SER A 12 -11.41 -7.46 -1.38
N PRO A 13 -10.79 -6.81 -0.38
CA PRO A 13 -11.45 -5.78 0.43
C PRO A 13 -11.71 -4.51 -0.37
N LEU A 14 -12.19 -3.48 0.31
CA LEU A 14 -12.49 -2.20 -0.33
C LEU A 14 -11.94 -1.04 0.50
N PHE A 15 -10.68 -1.14 0.89
CA PHE A 15 -10.04 -0.10 1.68
C PHE A 15 -9.12 0.76 0.82
N LYS A 16 -9.18 0.55 -0.49
CA LYS A 16 -8.35 1.29 -1.43
C LYS A 16 -8.35 2.78 -1.08
N THR A 17 -9.43 3.24 -0.46
CA THR A 17 -9.55 4.63 -0.08
C THR A 17 -8.47 5.03 0.92
N LEU A 18 -8.22 4.16 1.89
CA LEU A 18 -7.21 4.42 2.91
C LEU A 18 -5.84 3.96 2.44
N LEU A 19 -5.82 3.13 1.40
CA LEU A 19 -4.56 2.62 0.86
C LEU A 19 -3.62 3.76 0.49
N SER A 20 -4.17 4.78 -0.16
CA SER A 20 -3.38 5.94 -0.57
C SER A 20 -2.86 6.70 0.65
N ALA A 21 -3.53 6.50 1.78
CA ALA A 21 -3.14 7.17 3.02
C ALA A 21 -2.08 6.38 3.76
N VAL A 22 -2.28 5.07 3.86
CA VAL A 22 -1.33 4.20 4.55
C VAL A 22 -0.14 3.89 3.66
N GLY A 23 -0.35 3.92 2.35
CA GLY A 23 0.73 3.64 1.42
C GLY A 23 1.74 4.77 1.35
N SER A 24 1.30 5.98 1.65
CA SER A 24 2.17 7.14 1.61
C SER A 24 3.02 7.23 2.88
N ALA A 25 2.46 6.76 4.00
CA ALA A 25 3.16 6.78 5.27
C ALA A 25 4.08 5.58 5.42
N LEU A 26 3.70 4.47 4.79
CA LEU A 26 4.49 3.25 4.84
C LEU A 26 5.65 3.30 3.87
N SER A 27 5.54 4.19 2.88
CA SER A 27 6.59 4.34 1.88
C SER A 27 7.36 5.64 2.08
N SER A 28 6.93 6.42 3.07
CA SER A 28 7.57 7.69 3.37
C SER A 28 8.83 7.49 4.20
N SER A 29 9.11 6.23 4.53
CA SER A 29 10.28 5.89 5.33
C SER A 29 11.28 5.07 4.52
N GLY A 30 11.32 5.32 3.22
CA GLY A 30 12.22 4.59 2.36
C GLY A 30 13.40 5.43 1.90
N GLY A 31 13.23 6.75 1.96
CA GLY A 31 14.30 7.65 1.55
C GLY A 31 15.50 7.59 2.47
N GLN A 32 15.26 7.27 3.74
CA GLN A 32 16.33 7.19 4.72
C GLN A 32 16.82 5.75 4.87
N GLU A 33 16.20 4.84 4.12
CA GLU A 33 16.57 3.43 4.16
C GLU A 33 18.04 3.24 3.81
N GLY A 1 3.20 -13.48 -3.61
CA GLY A 1 3.45 -12.25 -4.34
C GLY A 1 3.81 -11.09 -3.43
N PHE A 2 4.95 -11.20 -2.76
CA PHE A 2 5.41 -10.16 -1.85
C PHE A 2 5.70 -8.87 -2.61
N PHE A 3 5.78 -8.97 -3.93
CA PHE A 3 6.06 -7.81 -4.77
C PHE A 3 4.80 -7.37 -5.53
N ALA A 4 3.79 -8.24 -5.54
CA ALA A 4 2.54 -7.94 -6.23
C ALA A 4 1.37 -7.97 -5.25
N LEU A 5 1.67 -7.90 -3.96
CA LEU A 5 0.64 -7.91 -2.93
C LEU A 5 -0.03 -6.55 -2.81
N ILE A 6 0.60 -5.53 -3.39
CA ILE A 6 0.05 -4.18 -3.35
C ILE A 6 -1.24 -4.08 -4.16
N PRO A 7 -1.17 -4.51 -5.43
CA PRO A 7 -2.32 -4.48 -6.34
C PRO A 7 -3.38 -5.50 -5.95
N LYS A 8 -2.96 -6.56 -5.27
CA LYS A 8 -3.88 -7.61 -4.84
C LYS A 8 -4.53 -7.25 -3.52
N ILE A 9 -3.90 -6.34 -2.78
CA ILE A 9 -4.43 -5.91 -1.49
C ILE A 9 -5.81 -5.30 -1.64
N ILE A 10 -6.02 -4.57 -2.73
CA ILE A 10 -7.30 -3.94 -3.00
C ILE A 10 -8.17 -4.81 -3.89
N SER A 11 -7.54 -5.71 -4.63
CA SER A 11 -8.26 -6.61 -5.53
C SER A 11 -9.40 -7.31 -4.79
N SER A 12 -9.16 -7.64 -3.53
CA SER A 12 -10.17 -8.32 -2.72
C SER A 12 -11.05 -7.31 -1.98
N PRO A 13 -10.47 -6.67 -0.95
CA PRO A 13 -11.18 -5.68 -0.15
C PRO A 13 -11.46 -4.40 -0.92
N LEU A 14 -12.01 -3.40 -0.23
CA LEU A 14 -12.31 -2.11 -0.85
C LEU A 14 -11.80 -0.96 0.00
N PHE A 15 -10.67 -1.17 0.66
CA PHE A 15 -10.07 -0.15 1.50
C PHE A 15 -9.20 0.81 0.68
N LYS A 16 -9.27 0.66 -0.64
CA LYS A 16 -8.49 1.51 -1.55
C LYS A 16 -8.56 2.96 -1.11
N THR A 17 -9.69 3.35 -0.50
CA THR A 17 -9.87 4.72 -0.03
C THR A 17 -8.81 5.10 0.99
N LEU A 18 -8.53 4.19 1.91
CA LEU A 18 -7.52 4.43 2.95
C LEU A 18 -6.13 4.08 2.46
N LEU A 19 -6.06 3.30 1.37
CA LEU A 19 -4.79 2.89 0.80
C LEU A 19 -3.92 4.10 0.49
N SER A 20 -4.52 5.10 -0.15
CA SER A 20 -3.80 6.32 -0.51
C SER A 20 -3.34 7.07 0.74
N ALA A 21 -3.98 6.78 1.87
CA ALA A 21 -3.64 7.43 3.12
C ALA A 21 -2.52 6.68 3.83
N VAL A 22 -2.65 5.36 3.89
CA VAL A 22 -1.65 4.52 4.55
C VAL A 22 -0.42 4.33 3.66
N GLY A 23 -0.63 4.40 2.35
CA GLY A 23 0.46 4.23 1.41
C GLY A 23 1.40 5.43 1.39
N SER A 24 0.87 6.60 1.74
CA SER A 24 1.66 7.82 1.75
C SER A 24 2.50 7.92 3.03
N ALA A 25 1.97 7.37 4.12
CA ALA A 25 2.66 7.39 5.40
C ALA A 25 3.65 6.24 5.50
N LEU A 26 3.35 5.13 4.83
CA LEU A 26 4.22 3.97 4.84
C LEU A 26 5.39 4.14 3.87
N SER A 27 5.23 5.05 2.92
CA SER A 27 6.27 5.32 1.92
C SER A 27 6.94 6.66 2.19
N SER A 28 6.45 7.37 3.21
CA SER A 28 7.02 8.67 3.56
C SER A 28 8.27 8.51 4.42
N SER A 29 8.61 7.26 4.72
CA SER A 29 9.80 6.97 5.53
C SER A 29 10.80 6.16 4.74
N GLY A 30 10.81 6.33 3.42
CA GLY A 30 11.73 5.60 2.57
C GLY A 30 12.97 6.41 2.23
N GLY A 31 13.23 7.45 3.02
CA GLY A 31 14.39 8.29 2.78
C GLY A 31 15.69 7.62 3.17
N GLN A 32 15.59 6.63 4.05
CA GLN A 32 16.77 5.91 4.52
C GLN A 32 16.84 4.52 3.88
N GLU A 33 15.85 4.20 3.06
CA GLU A 33 15.81 2.90 2.40
C GLU A 33 16.94 2.76 1.39
N GLY A 1 5.34 -11.91 -4.07
CA GLY A 1 4.10 -11.21 -3.80
C GLY A 1 4.25 -10.15 -2.73
N PHE A 2 5.27 -10.31 -1.89
CA PHE A 2 5.52 -9.35 -0.81
C PHE A 2 5.82 -7.96 -1.37
N PHE A 3 6.14 -7.91 -2.65
CA PHE A 3 6.45 -6.65 -3.31
C PHE A 3 5.32 -6.22 -4.25
N ALA A 4 4.41 -7.15 -4.52
CA ALA A 4 3.28 -6.87 -5.41
C ALA A 4 1.96 -7.07 -4.68
N LEU A 5 2.01 -7.04 -3.34
CA LEU A 5 0.82 -7.23 -2.53
C LEU A 5 0.02 -5.93 -2.43
N ILE A 6 0.63 -4.83 -2.83
CA ILE A 6 -0.02 -3.52 -2.79
C ILE A 6 -1.28 -3.52 -3.65
N PRO A 7 -1.15 -3.94 -4.90
CA PRO A 7 -2.27 -3.99 -5.84
C PRO A 7 -3.28 -5.08 -5.48
N LYS A 8 -2.80 -6.12 -4.82
CA LYS A 8 -3.67 -7.23 -4.41
C LYS A 8 -4.36 -6.91 -3.09
N ILE A 9 -3.80 -5.99 -2.33
CA ILE A 9 -4.36 -5.60 -1.05
C ILE A 9 -5.76 -5.02 -1.23
N ILE A 10 -5.98 -4.34 -2.35
CA ILE A 10 -7.28 -3.74 -2.64
C ILE A 10 -8.11 -4.64 -3.54
N SER A 11 -7.44 -5.53 -4.26
CA SER A 11 -8.13 -6.46 -5.17
C SER A 11 -9.22 -7.23 -4.42
N SER A 12 -8.94 -7.56 -3.16
CA SER A 12 -9.90 -8.30 -2.35
C SER A 12 -10.85 -7.35 -1.63
N PRO A 13 -10.32 -6.62 -0.63
CA PRO A 13 -11.11 -5.67 0.15
C PRO A 13 -11.51 -4.44 -0.65
N LEU A 14 -12.12 -3.47 0.01
CA LEU A 14 -12.56 -2.24 -0.65
C LEU A 14 -12.10 -1.02 0.14
N PHE A 15 -10.98 -1.14 0.84
CA PHE A 15 -10.44 -0.04 1.63
C PHE A 15 -9.59 0.89 0.76
N LYS A 16 -9.69 0.71 -0.55
CA LYS A 16 -8.93 1.54 -1.49
C LYS A 16 -9.01 3.01 -1.10
N THR A 17 -10.13 3.41 -0.51
CA THR A 17 -10.32 4.79 -0.09
C THR A 17 -9.23 5.23 0.87
N LEU A 18 -8.88 4.36 1.82
CA LEU A 18 -7.85 4.66 2.79
C LEU A 18 -6.48 4.22 2.29
N LEU A 19 -6.47 3.41 1.24
CA LEU A 19 -5.22 2.92 0.66
C LEU A 19 -4.30 4.08 0.28
N SER A 20 -4.88 5.13 -0.28
CA SER A 20 -4.12 6.30 -0.68
C SER A 20 -3.52 7.01 0.53
N ALA A 21 -4.13 6.79 1.69
CA ALA A 21 -3.66 7.41 2.93
C ALA A 21 -2.61 6.54 3.60
N VAL A 22 -2.85 5.24 3.62
CA VAL A 22 -1.90 4.30 4.23
C VAL A 22 -0.74 4.00 3.31
N GLY A 23 -0.98 4.11 2.00
CA GLY A 23 0.06 3.86 1.03
C GLY A 23 1.10 4.96 0.97
N SER A 24 0.68 6.17 1.34
CA SER A 24 1.58 7.32 1.33
C SER A 24 2.47 7.34 2.58
N ALA A 25 1.93 6.83 3.68
CA ALA A 25 2.66 6.79 4.94
C ALA A 25 3.56 5.55 5.00
N LEU A 26 3.14 4.48 4.34
CA LEU A 26 3.91 3.24 4.32
C LEU A 26 5.05 3.33 3.31
N SER A 27 4.93 4.26 2.37
CA SER A 27 5.95 4.43 1.35
C SER A 27 6.74 5.71 1.58
N SER A 28 6.36 6.45 2.61
CA SER A 28 7.03 7.71 2.95
C SER A 28 8.31 7.44 3.73
N SER A 29 8.58 6.16 4.00
CA SER A 29 9.78 5.78 4.75
C SER A 29 10.66 4.87 3.91
N GLY A 30 10.58 5.01 2.59
CA GLY A 30 11.38 4.20 1.69
C GLY A 30 12.65 4.90 1.26
N GLY A 31 13.06 5.91 2.01
CA GLY A 31 14.26 6.66 1.67
C GLY A 31 15.52 6.01 2.20
N GLN A 32 15.37 5.23 3.28
CA GLN A 32 16.51 4.54 3.89
C GLN A 32 16.66 3.14 3.32
N GLU A 33 15.76 2.77 2.41
CA GLU A 33 15.80 1.46 1.79
C GLU A 33 17.16 1.18 1.17
N GLY A 1 4.04 -12.74 -2.75
CA GLY A 1 4.23 -11.50 -3.48
C GLY A 1 4.42 -10.31 -2.57
N PHE A 2 5.52 -10.30 -1.85
CA PHE A 2 5.83 -9.21 -0.93
C PHE A 2 6.04 -7.90 -1.70
N PHE A 3 6.20 -8.02 -3.01
CA PHE A 3 6.42 -6.84 -3.85
C PHE A 3 5.18 -6.54 -4.68
N ALA A 4 4.26 -7.50 -4.73
CA ALA A 4 3.03 -7.33 -5.49
C ALA A 4 1.80 -7.45 -4.59
N LEU A 5 2.03 -7.33 -3.28
CA LEU A 5 0.95 -7.42 -2.30
C LEU A 5 0.15 -6.12 -2.24
N ILE A 6 0.73 -5.06 -2.80
CA ILE A 6 0.07 -3.76 -2.80
C ILE A 6 -1.19 -3.79 -3.66
N PRO A 7 -1.03 -4.22 -4.92
CA PRO A 7 -2.15 -4.31 -5.88
C PRO A 7 -3.14 -5.41 -5.50
N LYS A 8 -2.66 -6.42 -4.78
CA LYS A 8 -3.50 -7.54 -4.36
C LYS A 8 -4.24 -7.20 -3.08
N ILE A 9 -3.72 -6.23 -2.34
CA ILE A 9 -4.35 -5.81 -1.09
C ILE A 9 -5.76 -5.28 -1.33
N ILE A 10 -5.94 -4.58 -2.44
CA ILE A 10 -7.24 -4.02 -2.79
C ILE A 10 -8.02 -4.97 -3.70
N SER A 11 -7.31 -5.88 -4.35
CA SER A 11 -7.93 -6.84 -5.25
C SER A 11 -9.12 -7.52 -4.58
N SER A 12 -8.96 -7.83 -3.30
CA SER A 12 -10.01 -8.50 -2.53
C SER A 12 -10.96 -7.47 -1.91
N PRO A 13 -10.45 -6.73 -0.92
CA PRO A 13 -11.22 -5.71 -0.21
C PRO A 13 -11.52 -4.50 -1.10
N LEU A 14 -12.09 -3.47 -0.49
CA LEU A 14 -12.43 -2.24 -1.22
C LEU A 14 -12.01 -1.01 -0.44
N PHE A 15 -10.90 -1.13 0.30
CA PHE A 15 -10.39 -0.02 1.09
C PHE A 15 -9.43 0.85 0.28
N LYS A 16 -9.41 0.60 -1.03
CA LYS A 16 -8.53 1.35 -1.93
C LYS A 16 -8.59 2.84 -1.62
N THR A 17 -9.75 3.29 -1.13
CA THR A 17 -9.94 4.70 -0.81
C THR A 17 -8.92 5.16 0.24
N LEU A 18 -8.72 4.34 1.25
CA LEU A 18 -7.77 4.66 2.32
C LEU A 18 -6.37 4.18 1.97
N LEU A 19 -6.27 3.32 0.96
CA LEU A 19 -5.00 2.77 0.52
C LEU A 19 -4.01 3.89 0.20
N SER A 20 -4.51 4.93 -0.46
CA SER A 20 -3.68 6.08 -0.84
C SER A 20 -3.20 6.82 0.40
N ALA A 21 -3.93 6.67 1.50
CA ALA A 21 -3.58 7.33 2.75
C ALA A 21 -2.61 6.48 3.57
N VAL A 22 -2.87 5.18 3.63
CA VAL A 22 -2.02 4.27 4.38
C VAL A 22 -0.77 3.90 3.58
N GLY A 23 -0.88 3.95 2.26
CA GLY A 23 0.24 3.63 1.41
C GLY A 23 1.30 4.71 1.40
N SER A 24 0.88 5.95 1.67
CA SER A 24 1.79 7.08 1.70
C SER A 24 2.55 7.14 3.02
N ALA A 25 1.91 6.66 4.08
CA ALA A 25 2.52 6.66 5.41
C ALA A 25 3.43 5.45 5.60
N LEU A 26 3.04 4.33 4.98
CA LEU A 26 3.82 3.10 5.08
C LEU A 26 5.05 3.16 4.19
N SER A 27 5.01 4.02 3.18
CA SER A 27 6.12 4.18 2.26
C SER A 27 6.89 5.47 2.55
N SER A 28 6.41 6.24 3.51
CA SER A 28 7.05 7.50 3.89
C SER A 28 8.24 7.25 4.80
N SER A 29 8.47 5.98 5.13
CA SER A 29 9.58 5.61 6.00
C SER A 29 10.63 4.81 5.24
N GLY A 30 10.69 5.01 3.93
CA GLY A 30 11.65 4.30 3.11
C GLY A 30 12.70 5.22 2.51
N GLY A 31 12.97 6.33 3.18
CA GLY A 31 13.95 7.27 2.69
C GLY A 31 15.33 6.66 2.54
N GLN A 32 15.58 5.58 3.28
CA GLN A 32 16.87 4.90 3.23
C GLN A 32 16.94 3.97 2.02
N GLU A 33 15.85 3.91 1.25
CA GLU A 33 15.80 3.07 0.07
C GLU A 33 16.50 3.73 -1.12
#